data_3E88
#
_entry.id   3E88
#
_cell.length_a   116.885
_cell.length_b   116.885
_cell.length_c   45.115
_cell.angle_alpha   90.00
_cell.angle_beta   90.00
_cell.angle_gamma   120.00
#
_symmetry.space_group_name_H-M   'P 32'
#
loop_
_entity.id
_entity.type
_entity.pdbx_description
1 polymer 'RAC-beta serine/threonine-protein kinase'
2 polymer 'Glycogen synthase kinase-3 beta peptide'
3 non-polymer 4-[2-(4-amino-1,2,5-oxadiazol-3-yl)-6-{[(2R)-2-amino-3-phenylpropyl]oxy}-1-ethyl-1H-imidazo[4,5-c]pyridin-4-yl]-2-methylbut-3-yn-2-ol
4 water water
#
loop_
_entity_poly.entity_id
_entity_poly.type
_entity_poly.pdbx_seq_one_letter_code
_entity_poly.pdbx_strand_id
1 'polypeptide(L)'
;KVTMNDFDYLKLLGKGTFGKVILVREKATGRYYAMKILRKEVIIAKDEVAHTVTESRVLQNTRHPFLTALKYAFQTHDRL
CFVMEYANGGELFFHLSRERVFTEERARFYGAEIVSALEYLHSRDVVYRDIKLENLMLDKDGHIKITDFGLCKEGISDGA
TMK(TPO)FCGTPEYLAPEVLEDNDYGRAVDWWGLGVVMYEMMCGRLPFYNQDHERLFELILMEEIRFPRTLSPEAKSLL
AGLLKKDPKQRLGGGPSDAKEVMEHRFFLSINWQDVVQKKLLPPFKPQVTSEVDTRYFDDEFTAQSITI(TPO)PPDRYD
SLGLLELDQRTHFPQFDYSASIR
;
A,B
2 'polypeptide(L)' GRPRTTSFAE C,D
#
loop_
_chem_comp.id
_chem_comp.type
_chem_comp.name
_chem_comp.formula
G96 non-polymer 4-[2-(4-amino-1,2,5-oxadiazol-3-yl)-6-{[(2R)-2-amino-3-phenylpropyl]oxy}-1-ethyl-1H-imidazo[4,5-c]pyridin-4-yl]-2-methylbut-3-yn-2-ol 'C24 H27 N7 O3'
#
# COMPACT_ATOMS: atom_id res chain seq x y z
N LYS A 1 2.65 37.54 -18.47
CA LYS A 1 2.74 36.20 -17.84
C LYS A 1 3.67 36.22 -16.62
N VAL A 2 3.23 35.59 -15.54
CA VAL A 2 3.99 35.57 -14.27
C VAL A 2 4.94 34.37 -14.25
N THR A 3 6.14 34.58 -13.71
CA THR A 3 7.19 33.56 -13.72
C THR A 3 7.85 33.39 -12.35
N MET A 4 8.81 32.47 -12.29
CA MET A 4 9.45 32.07 -11.04
C MET A 4 10.22 33.21 -10.38
N ASN A 5 11.04 33.92 -11.15
CA ASN A 5 11.91 34.98 -10.61
C ASN A 5 11.19 36.30 -10.31
N ASP A 6 9.86 36.26 -10.21
CA ASP A 6 9.07 37.40 -9.71
C ASP A 6 8.95 37.37 -8.18
N PHE A 7 9.55 36.36 -7.55
CA PHE A 7 9.45 36.19 -6.09
C PHE A 7 10.80 35.89 -5.45
N ASP A 8 10.96 36.32 -4.19
CA ASP A 8 12.08 35.87 -3.36
C ASP A 8 11.63 34.59 -2.65
N TYR A 9 12.58 33.69 -2.40
CA TYR A 9 12.28 32.42 -1.76
C TYR A 9 13.00 32.34 -0.41
N LEU A 10 12.22 32.24 0.66
CA LEU A 10 12.71 32.51 2.00
C LEU A 10 12.86 31.27 2.88
N LYS A 11 11.75 30.55 3.09
CA LYS A 11 11.75 29.37 3.96
C LYS A 11 10.79 28.30 3.47
N LEU A 12 11.19 27.04 3.67
CA LEU A 12 10.34 25.89 3.38
C LEU A 12 9.33 25.74 4.52
N LEU A 13 8.05 25.82 4.19
CA LEU A 13 6.97 25.70 5.18
C LEU A 13 6.46 24.27 5.29
N GLY A 14 6.38 23.60 4.15
CA GLY A 14 5.97 22.20 4.11
C GLY A 14 6.57 21.51 2.89
N LYS A 15 6.72 20.19 2.97
CA LYS A 15 7.23 19.40 1.87
C LYS A 15 6.32 18.19 1.65
N GLY A 16 6.15 17.82 0.38
CA GLY A 16 5.38 16.64 -0.01
C GLY A 16 6.18 15.76 -0.94
N THR A 17 5.57 14.69 -1.41
CA THR A 17 6.20 13.78 -2.37
C THR A 17 5.97 14.23 -3.82
N PHE A 18 5.02 15.15 -4.01
CA PHE A 18 4.75 15.77 -5.31
C PHE A 18 5.59 17.05 -5.49
N GLY A 19 5.84 17.75 -4.39
CA GLY A 19 6.61 18.98 -4.42
C GLY A 19 6.81 19.57 -3.04
N LYS A 20 6.72 20.91 -2.96
CA LYS A 20 7.01 21.63 -1.73
C LYS A 20 6.22 22.93 -1.64
N VAL A 21 6.11 23.48 -0.42
CA VAL A 21 5.46 24.78 -0.20
C VAL A 21 6.47 25.72 0.47
N ILE A 22 6.56 26.96 -0.02
CA ILE A 22 7.59 27.90 0.42
C ILE A 22 7.06 29.30 0.71
N LEU A 23 7.59 29.92 1.76
CA LEU A 23 7.31 31.31 2.08
C LEU A 23 8.04 32.21 1.09
N VAL A 24 7.30 33.03 0.36
CA VAL A 24 7.88 33.90 -0.66
C VAL A 24 7.49 35.36 -0.46
N ARG A 25 8.33 36.26 -0.94
CA ARG A 25 8.00 37.68 -1.01
C ARG A 25 7.80 38.06 -2.47
N GLU A 26 6.66 38.66 -2.79
CA GLU A 26 6.42 39.21 -4.12
C GLU A 26 7.29 40.44 -4.29
N LYS A 27 8.23 40.38 -5.23
CA LYS A 27 9.22 41.45 -5.43
C LYS A 27 8.56 42.80 -5.72
N ALA A 28 7.58 42.80 -6.63
CA ALA A 28 6.96 44.03 -7.13
C ALA A 28 6.08 44.76 -6.11
N THR A 29 5.70 44.10 -5.02
CA THR A 29 4.88 44.71 -3.96
C THR A 29 5.52 44.67 -2.57
N GLY A 30 6.46 43.74 -2.37
CA GLY A 30 7.07 43.52 -1.05
C GLY A 30 6.20 42.71 -0.09
N ARG A 31 5.09 42.17 -0.59
CA ARG A 31 4.13 41.43 0.24
C ARG A 31 4.41 39.94 0.28
N TYR A 32 4.04 39.32 1.40
CA TYR A 32 4.40 37.93 1.66
C TYR A 32 3.26 36.95 1.37
N TYR A 33 3.64 35.84 0.74
CA TYR A 33 2.70 34.80 0.32
C TYR A 33 3.32 33.42 0.52
N ALA A 34 2.46 32.40 0.47
CA ALA A 34 2.89 31.00 0.45
C ALA A 34 2.80 30.50 -0.99
N MET A 35 3.79 29.72 -1.42
CA MET A 35 3.81 29.17 -2.78
C MET A 35 3.97 27.65 -2.78
N LYS A 36 3.01 26.96 -3.37
CA LYS A 36 3.05 25.51 -3.51
C LYS A 36 3.59 25.20 -4.89
N ILE A 37 4.74 24.54 -4.94
CA ILE A 37 5.44 24.26 -6.20
C ILE A 37 5.44 22.77 -6.46
N LEU A 38 4.66 22.34 -7.46
CA LEU A 38 4.58 20.94 -7.85
C LEU A 38 5.39 20.70 -9.12
N ARG A 39 5.89 19.48 -9.27
CA ARG A 39 6.62 19.07 -10.47
C ARG A 39 5.67 18.39 -11.45
N LYS A 40 5.57 18.94 -12.66
CA LYS A 40 4.70 18.39 -13.71
C LYS A 40 4.98 16.92 -14.01
N GLU A 41 6.26 16.57 -14.05
CA GLU A 41 6.70 15.20 -14.36
C GLU A 41 6.08 14.16 -13.42
N VAL A 42 6.11 14.45 -12.12
CA VAL A 42 5.56 13.56 -11.10
C VAL A 42 4.03 13.48 -11.22
N ILE A 43 3.39 14.62 -11.50
CA ILE A 43 1.93 14.67 -11.66
C ILE A 43 1.48 13.83 -12.86
N ILE A 44 2.09 14.09 -14.02
CA ILE A 44 1.77 13.33 -15.25
C ILE A 44 2.02 11.83 -15.08
N ALA A 45 3.10 11.47 -14.39
CA ALA A 45 3.44 10.07 -14.13
C ALA A 45 2.39 9.37 -13.27
N LYS A 46 1.81 10.10 -12.31
CA LYS A 46 0.78 9.55 -11.42
C LYS A 46 -0.64 9.71 -11.98
N ASP A 47 -0.76 10.28 -13.17
CA ASP A 47 -2.06 10.52 -13.82
C ASP A 47 -3.00 11.35 -12.93
N GLU A 48 -2.46 12.42 -12.36
CA GLU A 48 -3.19 13.29 -11.43
C GLU A 48 -3.31 14.70 -12.01
N VAL A 49 -3.66 14.78 -13.29
CA VAL A 49 -3.73 16.05 -14.00
C VAL A 49 -5.08 16.72 -13.75
N ALA A 50 -6.15 15.94 -13.89
CA ALA A 50 -7.51 16.44 -13.66
C ALA A 50 -7.64 17.02 -12.25
N HIS A 51 -7.15 16.27 -11.26
CA HIS A 51 -7.20 16.72 -9.87
C HIS A 51 -6.44 18.04 -9.64
N THR A 52 -5.25 18.18 -10.23
CA THR A 52 -4.46 19.39 -10.03
C THR A 52 -5.11 20.58 -10.75
N VAL A 53 -5.69 20.32 -11.91
CA VAL A 53 -6.44 21.34 -12.65
C VAL A 53 -7.67 21.76 -11.85
N THR A 54 -8.38 20.79 -11.28
CA THR A 54 -9.55 21.06 -10.43
C THR A 54 -9.21 22.02 -9.29
N GLU A 55 -8.09 21.75 -8.63
CA GLU A 55 -7.61 22.55 -7.50
C GLU A 55 -7.52 24.03 -7.83
N SER A 56 -7.01 24.35 -9.02
CA SER A 56 -6.92 25.74 -9.45
C SER A 56 -8.31 26.28 -9.78
N ARG A 57 -9.03 25.56 -10.65
CA ARG A 57 -10.34 26.01 -11.13
C ARG A 57 -11.34 26.29 -10.00
N VAL A 58 -11.34 25.44 -8.98
CA VAL A 58 -12.20 25.65 -7.81
C VAL A 58 -11.78 26.92 -7.05
N LEU A 59 -10.47 27.07 -6.84
CA LEU A 59 -9.92 28.26 -6.19
C LEU A 59 -10.16 29.55 -6.98
N GLN A 60 -10.22 29.46 -8.30
CA GLN A 60 -10.42 30.63 -9.16
C GLN A 60 -11.75 31.34 -8.92
N ASN A 61 -12.75 30.63 -8.43
CA ASN A 61 -14.09 31.20 -8.23
C ASN A 61 -14.56 31.32 -6.78
N THR A 62 -14.07 30.44 -5.89
CA THR A 62 -14.47 30.44 -4.48
C THR A 62 -14.04 31.71 -3.74
N ARG A 63 -14.91 32.21 -2.89
CA ARG A 63 -14.60 33.34 -2.01
C ARG A 63 -15.32 33.16 -0.67
N HIS A 64 -14.52 33.00 0.39
CA HIS A 64 -15.07 32.76 1.72
C HIS A 64 -13.99 33.06 2.75
N PRO A 65 -14.37 33.66 3.88
CA PRO A 65 -13.36 34.04 4.89
C PRO A 65 -12.50 32.88 5.42
N PHE A 66 -13.02 31.67 5.42
CA PHE A 66 -12.29 30.51 5.95
C PHE A 66 -11.79 29.55 4.86
N LEU A 67 -11.67 30.05 3.63
CA LEU A 67 -10.96 29.33 2.56
C LEU A 67 -9.76 30.15 2.11
N THR A 68 -8.61 29.49 1.95
CA THR A 68 -7.39 30.14 1.48
C THR A 68 -7.61 30.74 0.09
N ALA A 69 -7.33 32.04 -0.05
CA ALA A 69 -7.51 32.75 -1.31
C ALA A 69 -6.29 32.56 -2.21
N LEU A 70 -6.54 32.33 -3.49
CA LEU A 70 -5.47 32.16 -4.48
C LEU A 70 -5.18 33.50 -5.16
N LYS A 71 -3.94 33.97 -5.05
CA LYS A 71 -3.51 35.20 -5.71
C LYS A 71 -3.17 34.91 -7.18
N TYR A 72 -2.19 34.03 -7.40
CA TYR A 72 -1.78 33.63 -8.76
C TYR A 72 -1.78 32.12 -8.92
N ALA A 73 -2.09 31.67 -10.13
CA ALA A 73 -1.83 30.29 -10.54
C ALA A 73 -1.12 30.37 -11.87
N PHE A 74 0.16 29.98 -11.90
CA PHE A 74 0.93 30.00 -13.15
C PHE A 74 1.76 28.73 -13.30
N GLN A 75 2.38 28.56 -14.46
CA GLN A 75 3.15 27.36 -14.76
C GLN A 75 4.42 27.68 -15.55
N THR A 76 5.44 26.85 -15.37
CA THR A 76 6.66 26.90 -16.16
C THR A 76 6.70 25.65 -17.03
N HIS A 77 7.80 25.44 -17.73
CA HIS A 77 7.95 24.27 -18.59
C HIS A 77 7.82 22.94 -17.83
N ASP A 78 8.23 22.92 -16.56
CA ASP A 78 8.22 21.70 -15.75
C ASP A 78 7.66 21.84 -14.33
N ARG A 79 7.09 23.00 -13.99
CA ARG A 79 6.53 23.21 -12.65
C ARG A 79 5.16 23.90 -12.68
N LEU A 80 4.33 23.57 -11.69
CA LEU A 80 3.04 24.23 -11.47
C LEU A 80 3.12 24.98 -10.16
N CYS A 81 2.70 26.25 -10.17
CA CYS A 81 2.83 27.11 -9.00
C CYS A 81 1.50 27.71 -8.54
N PHE A 82 1.13 27.44 -7.29
CA PHE A 82 0.02 28.13 -6.63
C PHE A 82 0.62 29.17 -5.69
N VAL A 83 0.17 30.42 -5.81
CA VAL A 83 0.59 31.49 -4.91
C VAL A 83 -0.64 31.94 -4.11
N MET A 84 -0.64 31.69 -2.81
CA MET A 84 -1.80 31.97 -1.97
C MET A 84 -1.42 32.71 -0.70
N GLU A 85 -2.43 33.17 0.03
CA GLU A 85 -2.22 33.95 1.24
C GLU A 85 -1.55 33.10 2.33
N TYR A 86 -0.50 33.68 2.91
CA TYR A 86 0.31 33.03 3.95
C TYR A 86 -0.46 32.98 5.27
N ALA A 87 -0.83 31.77 5.70
CA ALA A 87 -1.45 31.57 7.00
C ALA A 87 -0.37 31.55 8.07
N ASN A 88 -0.13 32.70 8.71
CA ASN A 88 0.95 32.86 9.69
C ASN A 88 0.82 31.93 10.89
N GLY A 89 -0.43 31.60 11.25
CA GLY A 89 -0.69 30.73 12.40
C GLY A 89 -0.31 29.27 12.21
N GLY A 90 -0.01 28.87 10.97
CA GLY A 90 0.38 27.51 10.69
C GLY A 90 -0.76 26.52 10.73
N GLU A 91 -0.41 25.23 10.73
CA GLU A 91 -1.40 24.16 10.69
C GLU A 91 -2.01 23.91 12.06
N LEU A 92 -3.30 23.56 12.06
CA LEU A 92 -3.97 23.13 13.27
C LEU A 92 -3.28 21.86 13.82
N PHE A 93 -2.71 21.07 12.91
CA PHE A 93 -1.94 19.87 13.28
C PHE A 93 -0.78 20.21 14.21
N PHE A 94 -0.06 21.30 13.91
CA PHE A 94 1.06 21.75 14.72
C PHE A 94 0.60 22.10 16.14
N HIS A 95 -0.52 22.81 16.25
CA HIS A 95 -1.03 23.27 17.54
C HIS A 95 -1.60 22.16 18.39
N LEU A 96 -2.42 21.30 17.78
CA LEU A 96 -2.99 20.16 18.50
C LEU A 96 -1.89 19.18 18.92
N SER A 97 -0.85 19.04 18.11
CA SER A 97 0.30 18.21 18.46
C SER A 97 1.04 18.77 19.67
N ARG A 98 1.16 20.10 19.73
CA ARG A 98 1.85 20.77 20.82
C ARG A 98 1.02 20.81 22.11
N GLU A 99 -0.29 21.08 21.97
CA GLU A 99 -1.17 21.21 23.14
C GLU A 99 -1.86 19.90 23.52
N ARG A 100 -1.83 18.90 22.65
CA ARG A 100 -2.41 17.58 22.90
C ARG A 100 -3.93 17.56 22.70
N VAL A 101 -4.63 18.48 23.35
CA VAL A 101 -6.09 18.55 23.29
C VAL A 101 -6.56 19.99 23.40
N PHE A 102 -7.72 20.30 22.80
CA PHE A 102 -8.38 21.59 22.96
C PHE A 102 -9.59 21.43 23.87
N THR A 103 -10.01 22.53 24.50
CA THR A 103 -11.25 22.54 25.27
C THR A 103 -12.43 22.43 24.31
N GLU A 104 -13.59 22.05 24.82
CA GLU A 104 -14.78 21.94 23.98
C GLU A 104 -15.13 23.29 23.36
N GLU A 105 -14.90 24.37 24.10
CA GLU A 105 -15.20 25.72 23.63
C GLU A 105 -14.31 26.08 22.45
N ARG A 106 -13.01 25.82 22.57
CA ARG A 106 -12.06 26.10 21.51
C ARG A 106 -12.34 25.26 20.27
N ALA A 107 -12.63 23.98 20.48
CA ALA A 107 -13.00 23.07 19.41
C ALA A 107 -14.29 23.54 18.73
N ARG A 108 -15.24 24.03 19.53
CA ARG A 108 -16.50 24.58 19.00
C ARG A 108 -16.25 25.76 18.07
N PHE A 109 -15.30 26.62 18.43
CA PHE A 109 -14.97 27.79 17.62
C PHE A 109 -14.40 27.40 16.26
N TYR A 110 -13.45 26.46 16.26
CA TYR A 110 -12.85 25.99 15.02
C TYR A 110 -13.86 25.21 14.17
N GLY A 111 -14.63 24.34 14.81
CA GLY A 111 -15.65 23.54 14.11
C GLY A 111 -16.71 24.38 13.41
N ALA A 112 -17.12 25.47 14.06
CA ALA A 112 -18.12 26.38 13.51
C ALA A 112 -17.62 27.03 12.23
N GLU A 113 -16.33 27.36 12.17
CA GLU A 113 -15.75 27.97 10.98
C GLU A 113 -15.56 26.93 9.86
N ILE A 114 -15.23 25.69 10.23
CA ILE A 114 -15.13 24.61 9.25
C ILE A 114 -16.51 24.31 8.64
N VAL A 115 -17.53 24.23 9.50
CA VAL A 115 -18.93 24.02 9.05
C VAL A 115 -19.39 25.11 8.09
N SER A 116 -19.09 26.36 8.42
CA SER A 116 -19.43 27.51 7.58
C SER A 116 -18.82 27.37 6.18
N ALA A 117 -17.56 26.99 6.14
CA ALA A 117 -16.84 26.78 4.89
C ALA A 117 -17.39 25.57 4.11
N LEU A 118 -17.78 24.53 4.82
CA LEU A 118 -18.30 23.32 4.18
C LEU A 118 -19.69 23.55 3.60
N GLU A 119 -20.53 24.28 4.34
CA GLU A 119 -21.83 24.73 3.82
C GLU A 119 -21.62 25.44 2.50
N TYR A 120 -20.72 26.42 2.50
CA TYR A 120 -20.45 27.23 1.31
C TYR A 120 -20.05 26.36 0.12
N LEU A 121 -19.05 25.49 0.32
CA LEU A 121 -18.58 24.61 -0.75
C LEU A 121 -19.69 23.69 -1.27
N HIS A 122 -20.44 23.08 -0.36
CA HIS A 122 -21.53 22.17 -0.72
C HIS A 122 -22.68 22.90 -1.42
N SER A 123 -22.90 24.17 -1.07
CA SER A 123 -23.90 24.98 -1.76
C SER A 123 -23.49 25.27 -3.21
N ARG A 124 -22.19 25.29 -3.46
CA ARG A 124 -21.63 25.47 -4.80
C ARG A 124 -21.42 24.13 -5.52
N ASP A 125 -22.02 23.06 -4.98
CA ASP A 125 -21.87 21.70 -5.52
C ASP A 125 -20.42 21.20 -5.55
N VAL A 126 -19.66 21.55 -4.52
CA VAL A 126 -18.27 21.11 -4.39
C VAL A 126 -18.11 20.26 -3.14
N VAL A 127 -17.52 19.08 -3.31
CA VAL A 127 -17.21 18.18 -2.20
C VAL A 127 -15.70 18.19 -1.99
N TYR A 128 -15.28 18.57 -0.79
CA TYR A 128 -13.86 18.81 -0.49
C TYR A 128 -13.02 17.52 -0.35
N ARG A 129 -13.59 16.51 0.33
CA ARG A 129 -13.05 15.14 0.42
C ARG A 129 -11.74 14.93 1.20
N ASP A 130 -11.11 15.98 1.72
CA ASP A 130 -9.85 15.82 2.44
C ASP A 130 -9.73 16.69 3.70
N ILE A 131 -10.82 16.81 4.46
CA ILE A 131 -10.77 17.52 5.74
C ILE A 131 -9.85 16.78 6.71
N LYS A 132 -8.80 17.46 7.17
CA LYS A 132 -7.90 16.91 8.16
C LYS A 132 -7.08 18.02 8.82
N LEU A 133 -6.40 17.69 9.91
CA LEU A 133 -5.68 18.71 10.70
C LEU A 133 -4.55 19.41 9.94
N GLU A 134 -3.92 18.70 9.00
CA GLU A 134 -2.86 19.28 8.17
C GLU A 134 -3.40 20.30 7.17
N ASN A 135 -4.66 20.11 6.74
CA ASN A 135 -5.27 20.98 5.74
C ASN A 135 -6.12 22.08 6.35
N LEU A 136 -6.17 22.13 7.68
CA LEU A 136 -6.78 23.25 8.40
C LEU A 136 -5.64 24.10 8.95
N MET A 137 -5.64 25.38 8.60
CA MET A 137 -4.59 26.29 9.04
C MET A 137 -5.19 27.51 9.68
N LEU A 138 -4.37 28.23 10.45
CA LEU A 138 -4.79 29.46 11.09
C LEU A 138 -4.09 30.66 10.46
N ASP A 139 -4.84 31.75 10.26
CA ASP A 139 -4.25 33.00 9.79
C ASP A 139 -3.77 33.81 11.00
N LYS A 140 -3.16 34.97 10.73
CA LYS A 140 -2.54 35.80 11.76
C LYS A 140 -3.45 36.09 12.96
N ASP A 141 -4.75 36.20 12.71
CA ASP A 141 -5.73 36.51 13.75
C ASP A 141 -6.17 35.28 14.53
N GLY A 142 -5.98 34.10 13.93
CA GLY A 142 -6.37 32.84 14.56
C GLY A 142 -7.66 32.25 14.01
N HIS A 143 -8.11 32.75 12.86
CA HIS A 143 -9.27 32.19 12.17
C HIS A 143 -8.85 31.04 11.26
N ILE A 144 -9.76 30.09 11.05
CA ILE A 144 -9.50 28.91 10.22
C ILE A 144 -9.34 29.29 8.75
N LYS A 145 -8.36 28.68 8.10
CA LYS A 145 -8.20 28.75 6.65
C LYS A 145 -8.04 27.33 6.12
N ILE A 146 -9.07 26.80 5.48
CA ILE A 146 -8.99 25.51 4.81
C ILE A 146 -8.05 25.64 3.62
N THR A 147 -7.14 24.69 3.48
CA THR A 147 -6.16 24.68 2.40
C THR A 147 -6.17 23.34 1.68
N ASP A 148 -5.41 23.25 0.58
CA ASP A 148 -5.27 22.02 -0.21
C ASP A 148 -6.59 21.54 -0.82
N PHE A 149 -6.84 21.95 -2.06
CA PHE A 149 -8.07 21.58 -2.77
C PHE A 149 -7.79 20.57 -3.88
N GLY A 150 -6.78 19.73 -3.65
CA GLY A 150 -6.29 18.78 -4.65
C GLY A 150 -7.19 17.59 -4.90
N LEU A 151 -8.12 17.33 -3.99
CA LEU A 151 -9.04 16.20 -4.12
C LEU A 151 -10.49 16.64 -4.15
N CYS A 152 -10.75 17.88 -4.57
CA CYS A 152 -12.12 18.37 -4.73
C CYS A 152 -12.80 17.75 -5.94
N LYS A 153 -14.14 17.60 -5.85
CA LYS A 153 -14.96 17.22 -6.99
C LYS A 153 -16.07 18.25 -7.18
N GLU A 154 -16.33 18.61 -8.43
CA GLU A 154 -17.35 19.59 -8.77
C GLU A 154 -18.59 18.91 -9.35
N GLY A 155 -19.69 19.66 -9.38
CA GLY A 155 -20.94 19.18 -9.94
C GLY A 155 -21.66 18.18 -9.06
N ILE A 156 -21.35 18.20 -7.76
CA ILE A 156 -21.92 17.26 -6.81
C ILE A 156 -22.98 17.97 -5.96
N SER A 157 -24.24 17.83 -6.38
CA SER A 157 -25.38 18.40 -5.65
C SER A 157 -26.14 17.29 -4.92
N ASP A 158 -27.16 17.69 -4.17
CA ASP A 158 -28.06 16.77 -3.46
C ASP A 158 -27.44 15.38 -3.21
N GLY A 159 -28.01 14.33 -3.80
CA GLY A 159 -27.47 12.98 -3.67
C GLY A 159 -26.66 12.54 -4.88
N ALA A 160 -25.91 13.45 -5.47
CA ALA A 160 -24.95 13.10 -6.51
C ALA A 160 -23.82 12.28 -5.88
N THR A 161 -23.20 11.42 -6.67
CA THR A 161 -22.22 10.49 -6.15
C THR A 161 -20.87 10.61 -6.85
N MET A 162 -19.86 9.97 -6.25
CA MET A 162 -18.47 9.99 -6.74
C MET A 162 -17.86 8.59 -6.67
N LYS A 163 -16.86 8.32 -7.51
CA LYS A 163 -16.24 6.99 -7.63
C LYS A 163 -14.74 6.89 -7.29
N TPO A 164 -14.04 8.03 -7.18
CA TPO A 164 -12.60 7.99 -6.96
CB TPO A 164 -11.91 9.32 -7.24
CG2 TPO A 164 -10.39 9.22 -7.10
OG1 TPO A 164 -12.19 9.74 -8.58
P TPO A 164 -13.10 11.04 -8.85
O1P TPO A 164 -12.21 12.17 -8.40
O2P TPO A 164 -14.32 10.80 -8.00
O3P TPO A 164 -13.35 11.00 -10.34
C TPO A 164 -12.29 7.55 -5.56
O TPO A 164 -12.79 8.13 -4.59
N PHE A 165 -11.46 6.52 -5.44
CA PHE A 165 -10.95 6.12 -4.14
C PHE A 165 -9.80 7.06 -3.80
N CYS A 166 -10.10 8.07 -2.99
CA CYS A 166 -9.15 9.09 -2.61
C CYS A 166 -9.48 9.67 -1.24
N GLY A 167 -8.54 10.44 -0.70
CA GLY A 167 -8.68 11.09 0.60
C GLY A 167 -7.40 10.94 1.40
N THR A 168 -7.55 10.74 2.70
CA THR A 168 -6.45 10.40 3.58
C THR A 168 -6.88 9.18 4.39
N PRO A 169 -6.04 8.12 4.45
CA PRO A 169 -6.46 6.85 5.02
C PRO A 169 -7.21 7.00 6.34
N GLU A 170 -6.59 7.69 7.30
CA GLU A 170 -7.14 7.79 8.65
C GLU A 170 -8.49 8.52 8.71
N TYR A 171 -8.79 9.32 7.67
CA TYR A 171 -10.01 10.13 7.63
C TYR A 171 -11.09 9.59 6.69
N LEU A 172 -10.80 8.52 5.96
CA LEU A 172 -11.76 7.95 5.02
C LEU A 172 -13.04 7.54 5.71
N ALA A 173 -14.18 8.05 5.21
CA ALA A 173 -15.49 7.61 5.65
C ALA A 173 -15.67 6.13 5.33
N PRO A 174 -16.42 5.38 6.17
CA PRO A 174 -16.54 3.94 5.96
C PRO A 174 -17.12 3.55 4.60
N GLU A 175 -18.07 4.32 4.09
CA GLU A 175 -18.66 4.02 2.78
C GLU A 175 -17.66 4.13 1.63
N VAL A 176 -16.63 4.98 1.78
CA VAL A 176 -15.56 5.09 0.78
C VAL A 176 -14.72 3.80 0.76
N LEU A 177 -14.72 3.06 1.86
CA LEU A 177 -14.05 1.76 1.95
C LEU A 177 -14.92 0.60 1.44
N GLU A 178 -16.02 0.94 0.76
CA GLU A 178 -16.86 -0.06 0.09
C GLU A 178 -16.79 0.13 -1.43
N ASP A 179 -17.26 -0.87 -2.17
CA ASP A 179 -17.34 -0.78 -3.63
C ASP A 179 -18.32 0.30 -4.04
N ASN A 180 -18.33 0.61 -5.34
CA ASN A 180 -19.31 1.51 -5.94
C ASN A 180 -19.15 2.95 -5.41
N ASP A 181 -20.21 3.74 -5.47
CA ASP A 181 -20.11 5.19 -5.31
C ASP A 181 -20.47 5.68 -3.91
N TYR A 182 -20.08 6.91 -3.60
CA TYR A 182 -20.36 7.54 -2.33
C TYR A 182 -20.76 9.00 -2.53
N GLY A 183 -21.38 9.59 -1.52
CA GLY A 183 -21.94 10.95 -1.61
C GLY A 183 -21.14 11.99 -0.84
N ARG A 184 -21.71 13.20 -0.75
CA ARG A 184 -21.02 14.34 -0.16
C ARG A 184 -20.92 14.30 1.38
N ALA A 185 -21.61 13.36 2.00
CA ALA A 185 -21.58 13.22 3.46
C ALA A 185 -20.18 12.91 3.98
N VAL A 186 -19.28 12.45 3.10
CA VAL A 186 -17.91 12.11 3.49
C VAL A 186 -17.20 13.31 4.15
N ASP A 187 -17.52 14.52 3.69
CA ASP A 187 -17.00 15.74 4.31
C ASP A 187 -17.40 15.87 5.78
N TRP A 188 -18.64 15.54 6.10
CA TRP A 188 -19.13 15.64 7.49
C TRP A 188 -18.52 14.59 8.41
N TRP A 189 -18.23 13.41 7.86
CA TRP A 189 -17.43 12.41 8.55
C TRP A 189 -16.03 12.97 8.84
N GLY A 190 -15.45 13.62 7.83
CA GLY A 190 -14.16 14.29 7.97
C GLY A 190 -14.16 15.27 9.12
N LEU A 191 -15.15 16.15 9.14
CA LEU A 191 -15.34 17.05 10.27
C LEU A 191 -15.35 16.25 11.58
N GLY A 192 -16.15 15.20 11.64
CA GLY A 192 -16.26 14.34 12.82
C GLY A 192 -14.92 13.90 13.39
N VAL A 193 -14.02 13.45 12.51
CA VAL A 193 -12.70 13.00 12.93
C VAL A 193 -11.86 14.13 13.52
N VAL A 194 -11.82 15.28 12.85
CA VAL A 194 -11.10 16.44 13.37
C VAL A 194 -11.70 16.96 14.68
N MET A 195 -13.04 17.00 14.75
CA MET A 195 -13.72 17.35 16.01
C MET A 195 -13.30 16.35 17.09
N TYR A 196 -13.28 15.07 16.73
CA TYR A 196 -12.89 14.01 17.67
C TYR A 196 -11.46 14.22 18.17
N GLU A 197 -10.55 14.53 17.26
CA GLU A 197 -9.15 14.75 17.62
C GLU A 197 -8.97 15.97 18.52
N MET A 198 -9.65 17.05 18.18
CA MET A 198 -9.53 18.30 18.93
C MET A 198 -9.97 18.14 20.40
N MET A 199 -10.99 17.32 20.63
CA MET A 199 -11.57 17.17 21.97
C MET A 199 -11.06 15.91 22.70
N CYS A 200 -10.76 14.85 21.96
CA CYS A 200 -10.29 13.59 22.56
C CYS A 200 -8.78 13.36 22.42
N GLY A 201 -8.09 14.23 21.68
CA GLY A 201 -6.63 14.22 21.62
C GLY A 201 -6.00 13.05 20.88
N ARG A 202 -6.80 12.35 20.08
CA ARG A 202 -6.29 11.27 19.24
C ARG A 202 -7.29 11.00 18.12
N LEU A 203 -6.85 10.30 17.09
CA LEU A 203 -7.75 9.82 16.05
C LEU A 203 -8.74 8.84 16.68
N PRO A 204 -9.99 8.82 16.20
CA PRO A 204 -10.94 7.82 16.70
C PRO A 204 -10.54 6.40 16.34
N PHE A 205 -9.90 6.23 15.20
CA PHE A 205 -9.39 4.93 14.75
C PHE A 205 -7.96 5.11 14.29
N TYR A 206 -7.07 4.19 14.68
CA TYR A 206 -5.70 4.23 14.18
C TYR A 206 -4.96 2.90 14.17
N ASN A 207 -4.25 2.66 13.06
CA ASN A 207 -3.24 1.61 12.95
C ASN A 207 -2.35 1.94 11.75
N GLN A 208 -1.05 1.67 11.84
CA GLN A 208 -0.15 2.00 10.74
C GLN A 208 -0.34 1.05 9.55
N ASP A 209 -0.88 -0.14 9.83
CA ASP A 209 -1.34 -1.06 8.79
C ASP A 209 -2.71 -0.59 8.32
N HIS A 210 -2.83 -0.25 7.04
CA HIS A 210 -4.09 0.26 6.49
C HIS A 210 -5.20 -0.78 6.51
N GLU A 211 -4.84 -2.04 6.22
CA GLU A 211 -5.81 -3.14 6.31
C GLU A 211 -6.46 -3.19 7.70
N ARG A 212 -5.65 -3.05 8.74
CA ARG A 212 -6.15 -3.01 10.11
C ARG A 212 -6.98 -1.75 10.35
N LEU A 213 -6.50 -0.62 9.83
CA LEU A 213 -7.15 0.69 9.99
C LEU A 213 -8.51 0.78 9.31
N PHE A 214 -8.58 0.25 8.08
CA PHE A 214 -9.84 0.27 7.32
C PHE A 214 -10.89 -0.66 7.95
N GLU A 215 -10.43 -1.74 8.56
CA GLU A 215 -11.31 -2.60 9.34
C GLU A 215 -11.87 -1.85 10.55
N LEU A 216 -11.02 -1.06 11.22
CA LEU A 216 -11.48 -0.28 12.38
C LEU A 216 -12.55 0.73 11.99
N ILE A 217 -12.30 1.47 10.92
CA ILE A 217 -13.25 2.48 10.41
C ILE A 217 -14.62 1.87 10.12
N LEU A 218 -14.64 0.69 9.50
CA LEU A 218 -15.89 0.03 9.13
C LEU A 218 -16.60 -0.69 10.29
N MET A 219 -15.83 -1.26 11.22
CA MET A 219 -16.37 -2.20 12.22
C MET A 219 -16.42 -1.69 13.67
N GLU A 220 -15.49 -0.80 14.04
CA GLU A 220 -15.26 -0.48 15.45
C GLU A 220 -16.12 0.68 15.95
N GLU A 221 -16.61 0.54 17.18
CA GLU A 221 -17.35 1.61 17.86
C GLU A 221 -16.38 2.67 18.37
N ILE A 222 -16.75 3.94 18.21
CA ILE A 222 -15.96 5.03 18.77
C ILE A 222 -16.15 5.04 20.28
N ARG A 223 -15.10 5.39 21.00
CA ARG A 223 -15.13 5.52 22.46
C ARG A 223 -14.98 6.99 22.81
N PHE A 224 -15.56 7.40 23.93
CA PHE A 224 -15.47 8.78 24.40
C PHE A 224 -14.86 8.83 25.79
N PRO A 225 -14.02 9.85 26.06
CA PRO A 225 -13.68 10.10 27.46
C PRO A 225 -14.94 10.33 28.29
N ARG A 226 -14.92 9.88 29.55
CA ARG A 226 -16.07 10.02 30.43
C ARG A 226 -16.46 11.48 30.66
N THR A 227 -15.46 12.34 30.83
CA THR A 227 -15.66 13.76 31.14
C THR A 227 -16.25 14.58 29.99
N LEU A 228 -16.27 14.01 28.78
CA LEU A 228 -16.83 14.71 27.61
C LEU A 228 -18.32 14.99 27.82
N SER A 229 -18.78 16.17 27.38
CA SER A 229 -20.18 16.57 27.56
C SER A 229 -21.10 15.72 26.69
N PRO A 230 -22.35 15.53 27.12
CA PRO A 230 -23.29 14.71 26.34
C PRO A 230 -23.52 15.21 24.91
N GLU A 231 -23.62 16.52 24.72
CA GLU A 231 -23.79 17.07 23.36
C GLU A 231 -22.51 16.94 22.53
N ALA A 232 -21.35 16.98 23.17
CA ALA A 232 -20.09 16.67 22.49
C ALA A 232 -20.11 15.22 21.98
N LYS A 233 -20.46 14.30 22.87
CA LYS A 233 -20.62 12.89 22.51
C LYS A 233 -21.66 12.71 21.42
N SER A 234 -22.78 13.41 21.56
CA SER A 234 -23.88 13.34 20.59
C SER A 234 -23.43 13.80 19.20
N LEU A 235 -22.70 14.92 19.15
CA LEU A 235 -22.20 15.44 17.87
C LEU A 235 -21.24 14.47 17.21
N LEU A 236 -20.25 14.00 17.96
CA LEU A 236 -19.27 13.07 17.42
C LEU A 236 -19.94 11.77 16.97
N ALA A 237 -20.91 11.29 17.76
CA ALA A 237 -21.70 10.11 17.39
C ALA A 237 -22.46 10.35 16.08
N GLY A 238 -22.99 11.56 15.91
CA GLY A 238 -23.75 11.91 14.72
C GLY A 238 -22.90 12.10 13.48
N LEU A 239 -21.78 12.82 13.63
CA LEU A 239 -20.88 13.09 12.52
C LEU A 239 -20.18 11.80 12.09
N LEU A 240 -19.83 10.97 13.06
CA LEU A 240 -19.17 9.69 12.81
C LEU A 240 -20.16 8.52 12.76
N LYS A 241 -21.38 8.77 12.28
CA LYS A 241 -22.33 7.71 12.01
C LYS A 241 -21.83 6.97 10.77
N LYS A 242 -21.61 5.67 10.88
CA LYS A 242 -21.06 4.90 9.76
C LYS A 242 -21.96 4.94 8.52
N ASP A 243 -23.27 4.94 8.74
CA ASP A 243 -24.22 5.05 7.65
C ASP A 243 -24.38 6.52 7.24
N PRO A 244 -23.98 6.87 6.00
CA PRO A 244 -24.10 8.27 5.57
C PRO A 244 -25.54 8.81 5.57
N LYS A 245 -26.53 7.96 5.31
CA LYS A 245 -27.93 8.39 5.30
C LYS A 245 -28.42 8.80 6.69
N GLN A 246 -27.88 8.17 7.74
CA GLN A 246 -28.22 8.51 9.12
C GLN A 246 -27.24 9.54 9.73
N ARG A 247 -26.17 9.83 9.02
CA ARG A 247 -25.13 10.72 9.53
C ARG A 247 -25.60 12.17 9.59
N LEU A 248 -25.18 12.87 10.65
CA LEU A 248 -25.49 14.28 10.85
C LEU A 248 -24.89 15.09 9.71
N GLY A 249 -25.75 15.83 9.01
CA GLY A 249 -25.34 16.56 7.82
C GLY A 249 -25.52 15.79 6.51
N GLY A 250 -25.82 14.50 6.63
CA GLY A 250 -26.00 13.63 5.47
C GLY A 250 -27.37 13.73 4.81
N GLY A 251 -28.31 14.44 5.43
CA GLY A 251 -29.64 14.64 4.86
C GLY A 251 -29.67 15.74 3.80
N PRO A 252 -30.86 16.07 3.30
CA PRO A 252 -30.99 17.07 2.22
C PRO A 252 -30.63 18.49 2.64
N SER A 253 -30.75 18.80 3.93
CA SER A 253 -30.43 20.13 4.44
C SER A 253 -28.92 20.35 4.62
N ASP A 254 -28.12 19.29 4.41
CA ASP A 254 -26.67 19.40 4.42
C ASP A 254 -26.18 20.03 5.74
N ALA A 255 -25.62 21.24 5.69
CA ALA A 255 -24.99 21.86 6.86
C ALA A 255 -25.98 22.27 7.95
N LYS A 256 -27.25 22.46 7.59
CA LYS A 256 -28.29 22.88 8.55
C LYS A 256 -28.44 21.88 9.70
N GLU A 257 -28.28 20.58 9.44
CA GLU A 257 -28.37 19.57 10.49
C GLU A 257 -27.28 19.76 11.54
N VAL A 258 -26.05 19.94 11.06
CA VAL A 258 -24.91 20.17 11.93
C VAL A 258 -25.04 21.51 12.65
N MET A 259 -25.51 22.53 11.94
CA MET A 259 -25.63 23.87 12.51
C MET A 259 -26.67 23.92 13.63
N GLU A 260 -27.77 23.19 13.47
CA GLU A 260 -28.84 23.14 14.48
C GLU A 260 -28.57 22.17 15.65
N HIS A 261 -27.47 21.42 15.59
CA HIS A 261 -27.15 20.46 16.64
C HIS A 261 -26.87 21.17 17.96
N ARG A 262 -27.23 20.52 19.06
CA ARG A 262 -27.19 21.13 20.39
C ARG A 262 -25.78 21.53 20.85
N PHE A 263 -24.76 20.88 20.30
CA PHE A 263 -23.38 21.24 20.59
C PHE A 263 -23.08 22.70 20.21
N PHE A 264 -23.74 23.18 19.15
CA PHE A 264 -23.55 24.55 18.68
C PHE A 264 -24.68 25.48 19.15
N LEU A 265 -25.37 25.10 20.23
CA LEU A 265 -26.47 25.90 20.79
C LEU A 265 -26.14 27.37 20.94
N SER A 266 -24.93 27.65 21.42
CA SER A 266 -24.49 29.02 21.72
C SER A 266 -23.77 29.70 20.56
N ILE A 267 -24.04 29.29 19.33
CA ILE A 267 -23.36 29.85 18.17
C ILE A 267 -24.36 30.53 17.24
N ASN A 268 -24.12 31.81 16.98
CA ASN A 268 -24.82 32.52 15.93
C ASN A 268 -24.00 32.36 14.66
N TRP A 269 -24.59 31.73 13.64
CA TRP A 269 -23.86 31.35 12.44
C TRP A 269 -23.56 32.53 11.52
N GLN A 270 -24.32 33.61 11.68
CA GLN A 270 -24.06 34.85 10.95
C GLN A 270 -22.90 35.59 11.58
N ASP A 271 -22.77 35.49 12.90
CA ASP A 271 -21.60 36.02 13.61
C ASP A 271 -20.33 35.29 13.20
N VAL A 272 -20.44 33.98 12.98
CA VAL A 272 -19.31 33.16 12.56
C VAL A 272 -18.76 33.64 11.22
N VAL A 273 -19.62 33.67 10.20
CA VAL A 273 -19.22 34.04 8.84
C VAL A 273 -18.75 35.50 8.73
N GLN A 274 -19.33 36.38 9.54
CA GLN A 274 -18.94 37.79 9.56
C GLN A 274 -17.68 38.07 10.39
N LYS A 275 -17.05 37.01 10.93
CA LYS A 275 -15.86 37.12 11.78
C LYS A 275 -16.07 37.97 13.05
N LYS A 276 -17.32 38.03 13.51
CA LYS A 276 -17.64 38.77 14.74
C LYS A 276 -17.14 38.03 15.98
N LEU A 277 -16.94 36.72 15.86
CA LEU A 277 -16.44 35.91 16.98
C LEU A 277 -14.94 36.12 17.20
N LEU A 278 -14.53 36.05 18.47
CA LEU A 278 -13.14 36.31 18.87
C LEU A 278 -12.37 35.00 18.98
N PRO A 279 -11.31 34.83 18.17
CA PRO A 279 -10.47 33.63 18.28
C PRO A 279 -9.94 33.42 19.70
N PRO A 280 -10.01 32.18 20.21
CA PRO A 280 -9.53 31.91 21.57
C PRO A 280 -8.01 31.96 21.68
N PHE A 281 -7.32 31.60 20.61
CA PHE A 281 -5.86 31.65 20.53
C PHE A 281 -5.46 32.61 19.42
N LYS A 282 -4.61 33.59 19.73
CA LYS A 282 -4.10 34.52 18.72
C LYS A 282 -2.61 34.27 18.48
N PRO A 283 -2.25 33.84 17.25
CA PRO A 283 -0.84 33.66 16.89
C PRO A 283 0.03 34.84 17.29
N GLN A 284 1.09 34.57 18.06
CA GLN A 284 2.01 35.61 18.55
C GLN A 284 3.15 35.85 17.55
N VAL A 285 2.81 36.04 16.28
CA VAL A 285 3.82 36.32 15.26
C VAL A 285 4.30 37.77 15.40
N THR A 286 5.61 37.96 15.40
CA THR A 286 6.22 39.27 15.63
C THR A 286 6.64 39.97 14.33
N SER A 287 6.52 39.27 13.21
CA SER A 287 6.81 39.83 11.89
C SER A 287 6.17 38.99 10.79
N GLU A 288 6.27 39.45 9.56
CA GLU A 288 5.66 38.75 8.41
C GLU A 288 6.45 37.50 8.02
N VAL A 289 7.75 37.50 8.28
CA VAL A 289 8.63 36.36 7.97
C VAL A 289 8.78 35.38 9.15
N ASP A 290 7.91 35.54 10.15
CA ASP A 290 7.92 34.72 11.36
C ASP A 290 7.28 33.36 11.07
N THR A 291 8.03 32.28 11.28
CA THR A 291 7.57 30.92 10.98
C THR A 291 7.62 30.00 12.20
N ARG A 292 7.30 30.55 13.38
CA ARG A 292 7.33 29.79 14.63
C ARG A 292 6.31 28.66 14.69
N TYR A 293 5.15 28.87 14.06
CA TYR A 293 4.08 27.87 14.05
C TYR A 293 4.20 26.89 12.86
N PHE A 294 5.42 26.73 12.36
CA PHE A 294 5.76 25.68 11.40
C PHE A 294 6.91 24.88 11.97
N ASP A 295 7.07 23.66 11.47
CA ASP A 295 7.99 22.70 12.06
C ASP A 295 9.42 22.98 11.62
N ASP A 296 10.36 22.87 12.56
CA ASP A 296 11.79 23.02 12.26
C ASP A 296 12.24 22.02 11.19
N GLU A 297 11.63 20.84 11.17
CA GLU A 297 11.88 19.82 10.16
C GLU A 297 11.91 20.43 8.74
N PHE A 298 11.04 21.42 8.50
CA PHE A 298 10.94 22.06 7.19
C PHE A 298 11.68 23.40 7.12
N THR A 299 11.46 24.27 8.11
CA THR A 299 12.04 25.61 8.08
C THR A 299 13.56 25.64 8.16
N ALA A 300 14.17 24.61 8.76
CA ALA A 300 15.63 24.52 8.86
C ALA A 300 16.30 24.17 7.53
N GLN A 301 15.53 23.60 6.60
CA GLN A 301 16.07 23.17 5.31
C GLN A 301 16.37 24.37 4.41
N SER A 302 17.55 24.35 3.79
CA SER A 302 17.91 25.35 2.79
C SER A 302 17.14 25.07 1.50
N ILE A 303 17.15 26.06 0.60
CA ILE A 303 16.34 25.99 -0.62
C ILE A 303 17.23 25.80 -1.87
N THR A 304 17.22 24.59 -2.41
CA THR A 304 17.97 24.25 -3.62
C THR A 304 17.05 24.24 -4.83
N ILE A 305 17.63 24.09 -6.02
CA ILE A 305 16.88 23.89 -7.24
C ILE A 305 17.23 22.54 -7.85
N TPO A 306 16.34 21.57 -7.65
CA TPO A 306 16.40 20.27 -8.32
CB TPO A 306 15.18 19.41 -7.98
CG2 TPO A 306 15.51 17.93 -8.13
OG1 TPO A 306 14.76 19.67 -6.63
P TPO A 306 13.39 20.46 -6.32
O1P TPO A 306 13.34 20.51 -4.80
O2P TPO A 306 12.30 19.60 -6.93
O3P TPO A 306 13.59 21.79 -6.98
C TPO A 306 16.46 20.43 -9.82
O TPO A 306 15.86 21.34 -10.39
N GLN A 321 8.20 23.07 -26.60
CA GLN A 321 7.21 21.99 -26.65
C GLN A 321 6.00 22.34 -25.79
N ARG A 322 4.81 22.02 -26.29
CA ARG A 322 3.55 22.37 -25.62
C ARG A 322 3.21 21.41 -24.47
N THR A 323 3.90 21.60 -23.34
CA THR A 323 3.63 20.84 -22.12
C THR A 323 2.78 21.70 -21.17
N HIS A 324 1.57 22.00 -21.62
CA HIS A 324 0.73 23.04 -21.02
C HIS A 324 -0.50 22.45 -20.30
N PHE A 325 -0.85 23.07 -19.16
CA PHE A 325 -2.08 22.73 -18.43
C PHE A 325 -3.14 23.80 -18.71
N PRO A 326 -4.36 23.38 -19.13
CA PRO A 326 -5.29 24.33 -19.74
C PRO A 326 -6.31 25.03 -18.82
N GLN A 327 -6.07 25.03 -17.50
CA GLN A 327 -6.92 25.81 -16.58
C GLN A 327 -6.08 26.37 -15.43
N PHE A 328 -5.04 27.12 -15.82
CA PHE A 328 -4.10 27.74 -14.89
C PHE A 328 -3.94 29.23 -15.29
N ASP A 329 -2.75 29.79 -15.11
CA ASP A 329 -2.43 31.15 -15.57
C ASP A 329 -3.43 32.19 -15.06
N TYR A 330 -3.91 31.99 -13.84
CA TYR A 330 -4.93 32.83 -13.23
C TYR A 330 -4.30 33.95 -12.42
N SER A 331 -5.00 35.08 -12.32
CA SER A 331 -4.63 36.17 -11.43
C SER A 331 -5.89 36.74 -10.76
N ALA A 332 -5.80 36.99 -9.46
CA ALA A 332 -6.94 37.54 -8.70
C ALA A 332 -7.30 38.96 -9.14
N SER A 333 -6.30 39.69 -9.65
CA SER A 333 -6.51 41.04 -10.15
C SER A 333 -7.19 41.08 -11.53
N ILE A 334 -7.12 39.98 -12.27
CA ILE A 334 -7.61 39.93 -13.66
C ILE A 334 -8.97 39.25 -13.76
N ARG A 335 -9.10 38.08 -13.14
CA ARG A 335 -10.39 37.37 -13.08
C ARG A 335 -10.73 37.00 -11.64
N LYS B 1 -2.76 6.52 -9.40
CA LYS B 1 -1.78 5.54 -9.92
C LYS B 1 -0.49 5.55 -9.09
N VAL B 2 0.00 4.35 -8.75
CA VAL B 2 1.19 4.20 -7.91
C VAL B 2 2.45 4.16 -8.77
N THR B 3 3.51 4.81 -8.29
CA THR B 3 4.74 4.95 -9.06
C THR B 3 5.99 4.61 -8.24
N MET B 4 7.15 4.71 -8.88
CA MET B 4 8.42 4.28 -8.32
C MET B 4 8.81 5.09 -7.08
N ASN B 5 8.73 6.41 -7.16
CA ASN B 5 9.17 7.29 -6.06
C ASN B 5 8.18 7.38 -4.87
N ASP B 6 7.25 6.42 -4.79
CA ASP B 6 6.41 6.27 -3.60
C ASP B 6 7.07 5.39 -2.54
N PHE B 7 8.29 4.92 -2.82
CA PHE B 7 9.01 4.02 -1.91
C PHE B 7 10.47 4.42 -1.72
N ASP B 8 11.01 4.13 -0.54
CA ASP B 8 12.45 4.20 -0.31
C ASP B 8 13.05 2.85 -0.69
N TYR B 9 14.29 2.86 -1.19
CA TYR B 9 14.96 1.64 -1.63
C TYR B 9 16.19 1.39 -0.77
N LEU B 10 16.17 0.27 -0.05
CA LEU B 10 17.08 0.07 1.08
C LEU B 10 18.18 -0.96 0.80
N LYS B 11 17.78 -2.20 0.50
CA LYS B 11 18.75 -3.28 0.28
C LYS B 11 18.27 -4.26 -0.79
N LEU B 12 19.22 -4.78 -1.56
CA LEU B 12 18.95 -5.83 -2.54
C LEU B 12 18.83 -7.16 -1.80
N LEU B 13 17.68 -7.81 -1.92
CA LEU B 13 17.43 -9.10 -1.25
C LEU B 13 17.76 -10.28 -2.17
N GLY B 14 17.43 -10.13 -3.45
CA GLY B 14 17.74 -11.13 -4.45
C GLY B 14 17.89 -10.50 -5.81
N LYS B 15 18.64 -11.15 -6.68
CA LYS B 15 18.83 -10.68 -8.05
C LYS B 15 18.57 -11.84 -9.01
N GLY B 16 18.00 -11.51 -10.17
CA GLY B 16 17.75 -12.48 -11.24
C GLY B 16 18.29 -11.94 -12.56
N THR B 17 18.08 -12.70 -13.62
CA THR B 17 18.49 -12.29 -14.97
C THR B 17 17.39 -11.47 -15.67
N PHE B 18 16.17 -11.49 -15.11
CA PHE B 18 15.06 -10.67 -15.58
C PHE B 18 15.01 -9.33 -14.85
N GLY B 19 15.43 -9.33 -13.58
CA GLY B 19 15.45 -8.13 -12.78
C GLY B 19 16.00 -8.38 -11.39
N LYS B 20 15.38 -7.75 -10.38
CA LYS B 20 15.88 -7.80 -9.01
C LYS B 20 14.75 -7.64 -7.99
N VAL B 21 15.02 -8.04 -6.74
CA VAL B 21 14.08 -7.87 -5.64
C VAL B 21 14.72 -7.02 -4.55
N ILE B 22 13.99 -6.04 -4.02
CA ILE B 22 14.55 -5.05 -3.09
C ILE B 22 13.66 -4.79 -1.87
N LEU B 23 14.30 -4.65 -0.72
CA LEU B 23 13.62 -4.22 0.50
C LEU B 23 13.29 -2.74 0.40
N VAL B 24 12.01 -2.41 0.51
CA VAL B 24 11.55 -1.03 0.38
C VAL B 24 10.69 -0.60 1.58
N ARG B 25 10.68 0.70 1.84
CA ARG B 25 9.76 1.29 2.79
C ARG B 25 8.71 2.10 2.03
N GLU B 26 7.44 1.83 2.29
CA GLU B 26 6.36 2.64 1.74
C GLU B 26 6.36 3.99 2.46
N LYS B 27 6.64 5.06 1.71
CA LYS B 27 6.80 6.40 2.28
C LYS B 27 5.56 6.86 3.05
N ALA B 28 4.38 6.66 2.46
CA ALA B 28 3.12 7.18 2.99
C ALA B 28 2.64 6.48 4.28
N THR B 29 3.18 5.30 4.59
CA THR B 29 2.83 4.57 5.79
C THR B 29 4.01 4.26 6.72
N GLY B 30 5.23 4.27 6.18
CA GLY B 30 6.42 3.89 6.93
C GLY B 30 6.61 2.38 7.07
N ARG B 31 5.78 1.59 6.37
CA ARG B 31 5.81 0.13 6.50
C ARG B 31 6.71 -0.52 5.45
N TYR B 32 7.25 -1.69 5.81
CA TYR B 32 8.29 -2.33 5.01
C TYR B 32 7.73 -3.46 4.15
N TYR B 33 8.20 -3.50 2.90
CA TYR B 33 7.76 -4.48 1.92
C TYR B 33 8.93 -4.92 1.05
N ALA B 34 8.73 -6.04 0.34
CA ALA B 34 9.67 -6.50 -0.69
C ALA B 34 9.12 -6.11 -2.05
N MET B 35 10.00 -5.66 -2.95
CA MET B 35 9.59 -5.25 -4.30
C MET B 35 10.39 -5.97 -5.37
N LYS B 36 9.69 -6.70 -6.23
CA LYS B 36 10.31 -7.39 -7.36
C LYS B 36 10.17 -6.49 -8.58
N ILE B 37 11.31 -6.05 -9.13
CA ILE B 37 11.33 -5.12 -10.24
C ILE B 37 11.87 -5.79 -11.49
N LEU B 38 10.99 -6.05 -12.45
CA LEU B 38 11.36 -6.67 -13.72
C LEU B 38 11.43 -5.63 -14.82
N ARG B 39 12.29 -5.89 -15.81
CA ARG B 39 12.42 -5.02 -16.97
C ARG B 39 11.54 -5.52 -18.12
N LYS B 40 10.62 -4.67 -18.58
CA LYS B 40 9.70 -5.02 -19.66
C LYS B 40 10.43 -5.48 -20.93
N GLU B 41 11.53 -4.79 -21.26
CA GLU B 41 12.31 -5.09 -22.46
C GLU B 41 12.79 -6.54 -22.51
N VAL B 42 13.32 -7.03 -21.39
CA VAL B 42 13.80 -8.41 -21.28
C VAL B 42 12.64 -9.41 -21.36
N ILE B 43 11.51 -9.07 -20.72
CA ILE B 43 10.33 -9.93 -20.75
C ILE B 43 9.77 -10.07 -22.16
N ILE B 44 9.54 -8.94 -22.83
CA ILE B 44 9.04 -8.94 -24.22
C ILE B 44 9.98 -9.69 -25.16
N ALA B 45 11.29 -9.51 -24.96
CA ALA B 45 12.30 -10.19 -25.79
C ALA B 45 12.25 -11.71 -25.63
N LYS B 46 11.97 -12.18 -24.42
CA LYS B 46 11.88 -13.61 -24.13
C LYS B 46 10.49 -14.19 -24.36
N ASP B 47 9.54 -13.35 -24.80
CA ASP B 47 8.15 -13.76 -25.03
C ASP B 47 7.51 -14.39 -23.77
N GLU B 48 7.72 -13.72 -22.64
CA GLU B 48 7.23 -14.20 -21.35
C GLU B 48 6.23 -13.23 -20.74
N VAL B 49 5.31 -12.75 -21.58
CA VAL B 49 4.34 -11.74 -21.17
C VAL B 49 3.15 -12.41 -20.47
N ALA B 50 2.63 -13.48 -21.08
CA ALA B 50 1.52 -14.23 -20.51
C ALA B 50 1.85 -14.71 -19.11
N HIS B 51 3.03 -15.29 -18.95
CA HIS B 51 3.48 -15.78 -17.65
C HIS B 51 3.57 -14.68 -16.58
N THR B 52 4.10 -13.52 -16.95
CA THR B 52 4.25 -12.42 -16.00
C THR B 52 2.88 -11.83 -15.63
N VAL B 53 1.98 -11.77 -16.61
CA VAL B 53 0.61 -11.33 -16.37
C VAL B 53 -0.10 -12.33 -15.45
N THR B 54 0.08 -13.63 -15.72
CA THR B 54 -0.49 -14.69 -14.88
C THR B 54 -0.11 -14.53 -13.41
N GLU B 55 1.17 -14.27 -13.17
CA GLU B 55 1.72 -14.09 -11.82
C GLU B 55 0.95 -13.03 -11.01
N SER B 56 0.61 -11.93 -11.66
CA SER B 56 -0.17 -10.89 -11.01
C SER B 56 -1.60 -11.35 -10.79
N ARG B 57 -2.24 -11.78 -11.87
CA ARG B 57 -3.65 -12.15 -11.84
C ARG B 57 -3.96 -13.24 -10.79
N VAL B 58 -3.09 -14.22 -10.68
CA VAL B 58 -3.23 -15.27 -9.67
C VAL B 58 -3.13 -14.68 -8.26
N LEU B 59 -2.12 -13.83 -8.06
CA LEU B 59 -1.93 -13.14 -6.77
C LEU B 59 -3.08 -12.20 -6.41
N GLN B 60 -3.73 -11.62 -7.42
CA GLN B 60 -4.83 -10.67 -7.18
C GLN B 60 -6.03 -11.29 -6.46
N ASN B 61 -6.21 -12.60 -6.57
CA ASN B 61 -7.37 -13.27 -5.97
C ASN B 61 -7.04 -14.27 -4.84
N THR B 62 -5.85 -14.86 -4.86
CA THR B 62 -5.45 -15.85 -3.84
C THR B 62 -5.32 -15.23 -2.46
N ARG B 63 -5.79 -15.97 -1.45
CA ARG B 63 -5.61 -15.60 -0.05
C ARG B 63 -5.42 -16.86 0.80
N HIS B 64 -4.25 -16.97 1.41
CA HIS B 64 -3.89 -18.14 2.19
C HIS B 64 -2.71 -17.78 3.08
N PRO B 65 -2.70 -18.28 4.33
CA PRO B 65 -1.63 -17.92 5.27
C PRO B 65 -0.20 -18.25 4.81
N PHE B 66 -0.04 -19.25 3.95
CA PHE B 66 1.29 -19.66 3.49
C PHE B 66 1.56 -19.30 2.02
N LEU B 67 0.81 -18.32 1.49
CA LEU B 67 1.12 -17.71 0.20
C LEU B 67 1.44 -16.23 0.41
N THR B 68 2.51 -15.75 -0.21
CA THR B 68 2.89 -14.34 -0.14
C THR B 68 1.79 -13.44 -0.68
N ALA B 69 1.35 -12.49 0.13
CA ALA B 69 0.27 -11.58 -0.26
C ALA B 69 0.82 -10.41 -1.08
N LEU B 70 0.11 -10.04 -2.15
CA LEU B 70 0.49 -8.93 -3.00
C LEU B 70 -0.23 -7.66 -2.56
N LYS B 71 0.55 -6.63 -2.19
CA LYS B 71 0.00 -5.33 -1.81
C LYS B 71 -0.35 -4.52 -3.06
N TYR B 72 0.66 -4.22 -3.88
CA TYR B 72 0.46 -3.49 -5.14
C TYR B 72 1.07 -4.23 -6.32
N ALA B 73 0.46 -4.08 -7.48
CA ALA B 73 1.06 -4.46 -8.75
C ALA B 73 0.91 -3.25 -9.67
N PHE B 74 2.01 -2.61 -10.02
CA PHE B 74 1.97 -1.45 -10.92
C PHE B 74 3.09 -1.52 -11.96
N GLN B 75 3.05 -0.61 -12.92
CA GLN B 75 4.02 -0.59 -14.00
C GLN B 75 4.43 0.83 -14.38
N THR B 76 5.65 0.96 -14.89
CA THR B 76 6.14 2.20 -15.46
C THR B 76 6.31 1.98 -16.96
N HIS B 77 6.88 2.96 -17.66
CA HIS B 77 7.09 2.85 -19.10
C HIS B 77 7.96 1.65 -19.49
N ASP B 78 8.90 1.27 -18.63
CA ASP B 78 9.84 0.17 -18.93
C ASP B 78 10.06 -0.85 -17.79
N ARG B 79 9.29 -0.76 -16.71
CA ARG B 79 9.42 -1.69 -15.59
C ARG B 79 8.08 -2.20 -15.07
N LEU B 80 8.09 -3.44 -14.58
CA LEU B 80 6.94 -4.04 -13.90
C LEU B 80 7.31 -4.25 -12.44
N CYS B 81 6.43 -3.83 -11.54
CA CYS B 81 6.72 -3.88 -10.10
C CYS B 81 5.68 -4.65 -9.30
N PHE B 82 6.15 -5.69 -8.59
CA PHE B 82 5.35 -6.38 -7.59
C PHE B 82 5.78 -5.89 -6.21
N VAL B 83 4.83 -5.44 -5.40
CA VAL B 83 5.09 -5.04 -4.02
C VAL B 83 4.37 -6.01 -3.10
N MET B 84 5.12 -6.82 -2.35
CA MET B 84 4.53 -7.87 -1.51
C MET B 84 5.12 -7.84 -0.11
N GLU B 85 4.53 -8.65 0.76
CA GLU B 85 4.94 -8.69 2.16
C GLU B 85 6.35 -9.25 2.31
N TYR B 86 7.16 -8.54 3.09
CA TYR B 86 8.56 -8.90 3.33
C TYR B 86 8.64 -10.11 4.26
N ALA B 87 9.14 -11.23 3.72
CA ALA B 87 9.40 -12.41 4.53
C ALA B 87 10.75 -12.25 5.22
N ASN B 88 10.71 -11.79 6.47
CA ASN B 88 11.94 -11.47 7.24
C ASN B 88 12.85 -12.68 7.44
N GLY B 89 12.25 -13.87 7.52
CA GLY B 89 13.00 -15.10 7.73
C GLY B 89 13.85 -15.56 6.55
N GLY B 90 13.65 -14.96 5.38
CA GLY B 90 14.44 -15.29 4.21
C GLY B 90 14.03 -16.61 3.58
N GLU B 91 14.87 -17.08 2.66
CA GLU B 91 14.59 -18.30 1.90
C GLU B 91 14.92 -19.54 2.71
N LEU B 92 14.13 -20.58 2.52
CA LEU B 92 14.41 -21.89 3.09
C LEU B 92 15.75 -22.40 2.56
N PHE B 93 16.10 -22.00 1.34
CA PHE B 93 17.39 -22.34 0.74
C PHE B 93 18.57 -21.85 1.58
N PHE B 94 18.46 -20.63 2.09
CA PHE B 94 19.48 -20.04 2.96
C PHE B 94 19.69 -20.88 4.21
N HIS B 95 18.59 -21.29 4.84
CA HIS B 95 18.64 -22.03 6.11
C HIS B 95 19.13 -23.44 5.94
N LEU B 96 18.60 -24.15 4.94
CA LEU B 96 19.05 -25.52 4.65
C LEU B 96 20.52 -25.53 4.24
N SER B 97 20.95 -24.50 3.49
CA SER B 97 22.36 -24.37 3.12
C SER B 97 23.25 -24.19 4.35
N ARG B 98 22.77 -23.41 5.33
CA ARG B 98 23.52 -23.13 6.55
C ARG B 98 23.51 -24.32 7.52
N GLU B 99 22.36 -24.98 7.66
CA GLU B 99 22.22 -26.10 8.59
C GLU B 99 22.48 -27.46 7.97
N ARG B 100 22.52 -27.53 6.64
CA ARG B 100 22.80 -28.78 5.90
C ARG B 100 21.59 -29.70 5.82
N VAL B 101 20.97 -29.99 6.96
CA VAL B 101 19.82 -30.89 7.03
C VAL B 101 18.87 -30.47 8.16
N PHE B 102 17.58 -30.77 7.98
CA PHE B 102 16.59 -30.59 9.04
C PHE B 102 16.20 -31.94 9.61
N THR B 103 15.70 -31.93 10.85
CA THR B 103 15.16 -33.15 11.47
C THR B 103 13.84 -33.51 10.77
N GLU B 104 13.42 -34.76 10.90
CA GLU B 104 12.15 -35.18 10.27
C GLU B 104 10.98 -34.36 10.80
N GLU B 105 11.05 -33.99 12.08
CA GLU B 105 9.98 -33.21 12.71
C GLU B 105 9.90 -31.82 12.09
N ARG B 106 11.04 -31.16 11.95
CA ARG B 106 11.09 -29.83 11.36
C ARG B 106 10.65 -29.85 9.90
N ALA B 107 11.13 -30.84 9.15
CA ALA B 107 10.72 -31.04 7.77
C ALA B 107 9.22 -31.31 7.66
N ARG B 108 8.69 -32.07 8.63
CA ARG B 108 7.25 -32.34 8.69
C ARG B 108 6.44 -31.05 8.85
N PHE B 109 6.94 -30.12 9.68
CA PHE B 109 6.25 -28.86 9.92
C PHE B 109 6.19 -28.01 8.65
N TYR B 110 7.31 -27.89 7.94
CA TYR B 110 7.35 -27.11 6.72
C TYR B 110 6.54 -27.77 5.60
N GLY B 111 6.65 -29.09 5.48
CA GLY B 111 5.92 -29.85 4.47
C GLY B 111 4.42 -29.75 4.61
N ALA B 112 3.94 -29.76 5.86
CA ALA B 112 2.51 -29.64 6.15
C ALA B 112 1.96 -28.31 5.67
N GLU B 113 2.75 -27.24 5.82
CA GLU B 113 2.32 -25.92 5.38
C GLU B 113 2.36 -25.80 3.85
N ILE B 114 3.34 -26.44 3.22
CA ILE B 114 3.43 -26.46 1.75
C ILE B 114 2.24 -27.25 1.17
N VAL B 115 1.94 -28.41 1.76
CA VAL B 115 0.78 -29.21 1.36
C VAL B 115 -0.53 -28.41 1.47
N SER B 116 -0.71 -27.70 2.58
CA SER B 116 -1.89 -26.89 2.80
C SER B 116 -2.07 -25.85 1.70
N ALA B 117 -0.96 -25.19 1.35
CA ALA B 117 -0.95 -24.20 0.27
C ALA B 117 -1.21 -24.83 -1.09
N LEU B 118 -0.68 -26.03 -1.32
CA LEU B 118 -0.85 -26.70 -2.61
C LEU B 118 -2.26 -27.23 -2.79
N GLU B 119 -2.86 -27.74 -1.71
CA GLU B 119 -4.27 -28.10 -1.71
C GLU B 119 -5.10 -26.90 -2.15
N TYR B 120 -4.88 -25.77 -1.49
CA TYR B 120 -5.61 -24.53 -1.77
C TYR B 120 -5.51 -24.14 -3.24
N LEU B 121 -4.28 -24.05 -3.75
CA LEU B 121 -4.06 -23.67 -5.15
C LEU B 121 -4.73 -24.65 -6.12
N HIS B 122 -4.55 -25.95 -5.88
CA HIS B 122 -5.15 -26.98 -6.74
C HIS B 122 -6.67 -26.99 -6.66
N SER B 123 -7.24 -26.62 -5.52
CA SER B 123 -8.69 -26.49 -5.38
C SER B 123 -9.23 -25.32 -6.22
N ARG B 124 -8.38 -24.32 -6.44
CA ARG B 124 -8.70 -23.17 -7.28
C ARG B 124 -8.32 -23.41 -8.76
N ASP B 125 -8.01 -24.66 -9.11
CA ASP B 125 -7.56 -25.04 -10.46
C ASP B 125 -6.27 -24.32 -10.89
N VAL B 126 -5.35 -24.14 -9.94
CA VAL B 126 -4.06 -23.54 -10.22
C VAL B 126 -2.94 -24.54 -9.94
N VAL B 127 -2.04 -24.70 -10.92
CA VAL B 127 -0.87 -25.55 -10.79
C VAL B 127 0.36 -24.65 -10.69
N TYR B 128 1.10 -24.78 -9.60
CA TYR B 128 2.18 -23.84 -9.28
C TYR B 128 3.46 -24.06 -10.12
N ARG B 129 3.82 -25.33 -10.32
CA ARG B 129 4.91 -25.77 -11.25
C ARG B 129 6.37 -25.41 -10.89
N ASP B 130 6.59 -24.67 -9.82
CA ASP B 130 7.98 -24.29 -9.47
C ASP B 130 8.30 -24.39 -7.97
N ILE B 131 7.80 -25.42 -7.30
CA ILE B 131 8.15 -25.64 -5.90
C ILE B 131 9.65 -25.94 -5.78
N LYS B 132 10.34 -25.10 -5.02
CA LYS B 132 11.76 -25.32 -4.74
C LYS B 132 12.19 -24.49 -3.54
N LEU B 133 13.37 -24.78 -3.01
CA LEU B 133 13.84 -24.14 -1.76
C LEU B 133 14.01 -22.63 -1.85
N GLU B 134 14.32 -22.12 -3.05
CA GLU B 134 14.45 -20.67 -3.26
C GLU B 134 13.10 -19.97 -3.22
N ASN B 135 12.04 -20.69 -3.62
CA ASN B 135 10.70 -20.11 -3.69
C ASN B 135 9.86 -20.38 -2.44
N LEU B 136 10.46 -21.07 -1.47
CA LEU B 136 9.86 -21.22 -0.15
C LEU B 136 10.60 -20.27 0.79
N MET B 137 9.85 -19.39 1.45
CA MET B 137 10.44 -18.42 2.36
C MET B 137 9.76 -18.48 3.71
N LEU B 138 10.42 -17.93 4.72
CA LEU B 138 9.88 -17.87 6.06
C LEU B 138 9.55 -16.43 6.44
N ASP B 139 8.41 -16.23 7.10
CA ASP B 139 8.04 -14.92 7.64
C ASP B 139 8.65 -14.76 9.03
N LYS B 140 8.43 -13.59 9.64
CA LYS B 140 9.06 -13.25 10.92
C LYS B 140 8.82 -14.30 12.02
N ASP B 141 7.67 -14.97 11.97
CA ASP B 141 7.31 -15.97 12.97
C ASP B 141 7.94 -17.34 12.67
N GLY B 142 8.31 -17.57 11.41
CA GLY B 142 8.89 -18.84 10.98
C GLY B 142 7.93 -19.73 10.22
N HIS B 143 6.81 -19.16 9.77
CA HIS B 143 5.85 -19.89 8.94
C HIS B 143 6.22 -19.78 7.47
N ILE B 144 5.87 -20.80 6.69
CA ILE B 144 6.19 -20.85 5.26
C ILE B 144 5.41 -19.80 4.48
N LYS B 145 6.10 -19.14 3.55
CA LYS B 145 5.46 -18.27 2.56
C LYS B 145 5.98 -18.66 1.18
N ILE B 146 5.12 -19.32 0.41
CA ILE B 146 5.44 -19.63 -0.99
C ILE B 146 5.50 -18.33 -1.78
N THR B 147 6.53 -18.17 -2.60
CA THR B 147 6.73 -16.97 -3.39
C THR B 147 6.97 -17.34 -4.85
N ASP B 148 7.03 -16.34 -5.73
CA ASP B 148 7.29 -16.51 -7.16
C ASP B 148 6.23 -17.34 -7.87
N PHE B 149 5.24 -16.66 -8.46
CA PHE B 149 4.14 -17.32 -9.15
C PHE B 149 4.26 -17.11 -10.67
N GLY B 150 5.50 -17.02 -11.14
CA GLY B 150 5.79 -16.71 -12.54
C GLY B 150 5.55 -17.83 -13.52
N LEU B 151 5.42 -19.06 -13.03
CA LEU B 151 5.17 -20.21 -13.89
C LEU B 151 3.87 -20.93 -13.52
N CYS B 152 2.92 -20.21 -12.94
CA CYS B 152 1.60 -20.76 -12.64
C CYS B 152 0.77 -20.95 -13.91
N LYS B 153 -0.10 -21.97 -13.89
CA LYS B 153 -1.11 -22.14 -14.94
C LYS B 153 -2.49 -22.23 -14.30
N GLU B 154 -3.47 -21.57 -14.91
CA GLU B 154 -4.84 -21.55 -14.41
C GLU B 154 -5.75 -22.43 -15.25
N GLY B 155 -6.91 -22.74 -14.70
CA GLY B 155 -7.91 -23.55 -15.39
C GLY B 155 -7.56 -25.02 -15.44
N ILE B 156 -6.70 -25.46 -14.53
CA ILE B 156 -6.24 -26.85 -14.49
C ILE B 156 -6.93 -27.59 -13.34
N SER B 157 -8.02 -28.28 -13.69
CA SER B 157 -8.76 -29.10 -12.74
C SER B 157 -8.46 -30.58 -12.96
N ASP B 158 -9.04 -31.43 -12.12
CA ASP B 158 -8.94 -32.89 -12.23
C ASP B 158 -7.73 -33.37 -13.05
N GLY B 159 -7.96 -34.03 -14.18
CA GLY B 159 -6.88 -34.46 -15.07
C GLY B 159 -6.69 -33.57 -16.26
N ALA B 160 -6.84 -32.26 -16.07
CA ALA B 160 -6.48 -31.30 -17.10
C ALA B 160 -4.97 -31.31 -17.28
N THR B 161 -4.50 -30.96 -18.48
CA THR B 161 -3.08 -31.08 -18.79
C THR B 161 -2.47 -29.76 -19.27
N MET B 162 -1.13 -29.75 -19.33
CA MET B 162 -0.37 -28.55 -19.73
C MET B 162 0.76 -28.96 -20.70
N LYS B 163 1.20 -28.00 -21.52
CA LYS B 163 2.21 -28.27 -22.57
C LYS B 163 3.53 -27.49 -22.46
N TPO B 164 3.59 -26.47 -21.61
CA TPO B 164 4.80 -25.64 -21.52
CB TPO B 164 4.57 -24.32 -20.80
CG2 TPO B 164 5.81 -23.44 -20.80
OG1 TPO B 164 3.53 -23.60 -21.45
P TPO B 164 2.12 -23.35 -20.72
O1P TPO B 164 2.49 -22.37 -19.62
O2P TPO B 164 1.70 -24.72 -20.23
O3P TPO B 164 1.24 -22.77 -21.80
C TPO B 164 5.93 -26.38 -20.86
O TPO B 164 5.78 -26.88 -19.74
N PHE B 165 7.07 -26.46 -21.55
CA PHE B 165 8.28 -26.98 -20.94
C PHE B 165 8.85 -25.87 -20.09
N CYS B 166 8.58 -25.95 -18.79
CA CYS B 166 9.03 -24.94 -17.83
C CYS B 166 9.20 -25.55 -16.43
N GLY B 167 9.83 -24.78 -15.55
CA GLY B 167 10.06 -25.18 -14.16
C GLY B 167 11.48 -24.82 -13.77
N THR B 168 12.10 -25.69 -12.98
CA THR B 168 13.52 -25.59 -12.64
C THR B 168 14.15 -26.95 -12.90
N PRO B 169 15.28 -26.99 -13.65
CA PRO B 169 15.80 -28.27 -14.13
C PRO B 169 15.83 -29.35 -13.06
N GLU B 170 16.45 -29.06 -11.92
CA GLU B 170 16.66 -30.02 -10.86
C GLU B 170 15.36 -30.56 -10.25
N TYR B 171 14.26 -29.82 -10.41
CA TYR B 171 12.96 -30.16 -9.82
C TYR B 171 11.93 -30.71 -10.82
N LEU B 172 12.26 -30.72 -12.11
CA LEU B 172 11.34 -31.18 -13.14
C LEU B 172 10.91 -32.61 -12.88
N ALA B 173 9.60 -32.83 -12.83
CA ALA B 173 9.04 -34.18 -12.77
C ALA B 173 9.40 -34.95 -14.04
N PRO B 174 9.57 -36.27 -13.94
CA PRO B 174 10.04 -37.03 -15.10
C PRO B 174 9.12 -36.94 -16.32
N GLU B 175 7.81 -36.89 -16.10
CA GLU B 175 6.87 -36.79 -17.22
C GLU B 175 7.00 -35.48 -18.00
N VAL B 176 7.46 -34.41 -17.32
CA VAL B 176 7.71 -33.13 -18.00
C VAL B 176 8.90 -33.26 -18.95
N LEU B 177 9.78 -34.22 -18.69
CA LEU B 177 10.91 -34.53 -19.57
C LEU B 177 10.53 -35.48 -20.72
N GLU B 178 9.22 -35.69 -20.93
CA GLU B 178 8.72 -36.46 -22.06
C GLU B 178 7.92 -35.54 -22.99
N ASP B 179 7.66 -36.02 -24.21
CA ASP B 179 6.84 -35.29 -25.18
C ASP B 179 5.42 -35.13 -24.68
N ASN B 180 4.64 -34.31 -25.36
CA ASN B 180 3.22 -34.17 -25.10
C ASN B 180 2.96 -33.52 -23.73
N ASP B 181 1.78 -33.77 -23.16
CA ASP B 181 1.28 -33.00 -22.04
C ASP B 181 1.47 -33.69 -20.69
N TYR B 182 1.37 -32.90 -19.61
CA TYR B 182 1.51 -33.41 -18.26
C TYR B 182 0.45 -32.76 -17.37
N GLY B 183 0.23 -33.36 -16.19
CA GLY B 183 -0.84 -32.95 -15.28
C GLY B 183 -0.35 -32.24 -14.04
N ARG B 184 -1.27 -32.00 -13.10
CA ARG B 184 -0.99 -31.22 -11.89
C ARG B 184 -0.15 -31.96 -10.84
N ALA B 185 0.09 -33.26 -11.04
CA ALA B 185 0.90 -34.03 -10.11
C ALA B 185 2.34 -33.54 -10.01
N VAL B 186 2.78 -32.75 -11.00
CA VAL B 186 4.14 -32.23 -11.02
C VAL B 186 4.47 -31.45 -9.74
N ASP B 187 3.46 -30.77 -9.19
CA ASP B 187 3.60 -30.05 -7.92
C ASP B 187 3.98 -30.99 -6.77
N TRP B 188 3.36 -32.17 -6.73
CA TRP B 188 3.62 -33.13 -5.65
C TRP B 188 5.00 -33.77 -5.76
N TRP B 189 5.48 -33.96 -6.99
CA TRP B 189 6.86 -34.33 -7.24
C TRP B 189 7.79 -33.24 -6.71
N GLY B 190 7.44 -31.98 -6.99
CA GLY B 190 8.18 -30.83 -6.48
C GLY B 190 8.29 -30.87 -4.97
N LEU B 191 7.17 -31.06 -4.29
CA LEU B 191 7.18 -31.26 -2.84
C LEU B 191 8.18 -32.37 -2.48
N GLY B 192 8.07 -33.50 -3.16
CA GLY B 192 8.97 -34.64 -2.92
C GLY B 192 10.45 -34.29 -2.90
N VAL B 193 10.88 -33.48 -3.85
CA VAL B 193 12.28 -33.06 -3.95
C VAL B 193 12.69 -32.19 -2.75
N VAL B 194 11.87 -31.20 -2.41
CA VAL B 194 12.16 -30.34 -1.26
C VAL B 194 12.11 -31.14 0.06
N MET B 195 11.13 -32.04 0.19
CA MET B 195 11.09 -32.94 1.34
C MET B 195 12.37 -33.76 1.39
N TYR B 196 12.80 -34.26 0.23
CA TYR B 196 14.02 -35.05 0.13
C TYR B 196 15.24 -34.24 0.57
N GLU B 197 15.33 -33.00 0.11
CA GLU B 197 16.46 -32.13 0.47
C GLU B 197 16.48 -31.80 1.96
N MET B 198 15.31 -31.48 2.52
CA MET B 198 15.21 -31.10 3.93
C MET B 198 15.67 -32.23 4.87
N MET B 199 15.40 -33.48 4.49
CA MET B 199 15.70 -34.62 5.36
C MET B 199 17.00 -35.34 4.97
N CYS B 200 17.34 -35.36 3.69
CA CYS B 200 18.56 -36.04 3.20
C CYS B 200 19.71 -35.08 2.87
N GLY B 201 19.47 -33.78 2.93
CA GLY B 201 20.54 -32.77 2.82
C GLY B 201 21.17 -32.62 1.44
N ARG B 202 20.48 -33.12 0.41
CA ARG B 202 20.93 -32.95 -0.96
C ARG B 202 19.78 -33.21 -1.91
N LEU B 203 19.89 -32.76 -3.16
CA LEU B 203 18.93 -33.11 -4.19
C LEU B 203 18.95 -34.61 -4.39
N PRO B 204 17.79 -35.21 -4.71
CA PRO B 204 17.77 -36.64 -5.00
C PRO B 204 18.53 -36.98 -6.28
N PHE B 205 18.52 -36.06 -7.24
CA PHE B 205 19.26 -36.21 -8.48
C PHE B 205 20.04 -34.92 -8.75
N TYR B 206 21.29 -35.03 -9.16
CA TYR B 206 22.06 -33.83 -9.54
C TYR B 206 23.22 -34.06 -10.52
N ASN B 207 23.29 -33.17 -11.50
CA ASN B 207 24.46 -33.01 -12.36
C ASN B 207 24.38 -31.63 -13.01
N GLN B 208 25.52 -30.97 -13.18
CA GLN B 208 25.49 -29.62 -13.78
C GLN B 208 25.19 -29.67 -15.28
N ASP B 209 25.46 -30.81 -15.90
CA ASP B 209 25.03 -31.09 -17.27
C ASP B 209 23.55 -31.52 -17.21
N HIS B 210 22.68 -30.76 -17.87
CA HIS B 210 21.25 -31.04 -17.84
C HIS B 210 20.89 -32.36 -18.53
N GLU B 211 21.59 -32.66 -19.62
CA GLU B 211 21.41 -33.95 -20.31
C GLU B 211 21.62 -35.11 -19.34
N ARG B 212 22.68 -35.03 -18.53
CA ARG B 212 22.96 -36.05 -17.52
C ARG B 212 21.89 -36.03 -16.41
N LEU B 213 21.50 -34.82 -16.00
CA LEU B 213 20.50 -34.62 -14.94
C LEU B 213 19.11 -35.13 -15.31
N PHE B 214 18.68 -34.85 -16.53
CA PHE B 214 17.36 -35.28 -17.01
C PHE B 214 17.31 -36.81 -17.19
N GLU B 215 18.44 -37.40 -17.53
CA GLU B 215 18.55 -38.87 -17.55
C GLU B 215 18.40 -39.43 -16.14
N LEU B 216 19.00 -38.78 -15.15
CA LEU B 216 18.88 -39.23 -13.76
C LEU B 216 17.43 -39.20 -13.28
N ILE B 217 16.75 -38.08 -13.53
CA ILE B 217 15.35 -37.91 -13.13
C ILE B 217 14.46 -39.01 -13.70
N LEU B 218 14.68 -39.36 -14.97
CA LEU B 218 13.86 -40.37 -15.65
C LEU B 218 14.23 -41.81 -15.30
N MET B 219 15.52 -42.08 -15.08
CA MET B 219 16.03 -43.47 -15.01
C MET B 219 16.49 -43.94 -13.63
N GLU B 220 16.94 -43.03 -12.78
CA GLU B 220 17.66 -43.39 -11.57
C GLU B 220 16.74 -43.62 -10.36
N GLU B 221 17.05 -44.64 -9.58
CA GLU B 221 16.36 -44.91 -8.30
C GLU B 221 16.86 -43.94 -7.24
N ILE B 222 15.94 -43.39 -6.45
CA ILE B 222 16.33 -42.57 -5.32
C ILE B 222 16.91 -43.47 -4.23
N ARG B 223 17.91 -42.93 -3.52
CA ARG B 223 18.52 -43.62 -2.39
C ARG B 223 18.13 -42.89 -1.11
N PHE B 224 18.08 -43.61 -0.01
CA PHE B 224 17.75 -43.04 1.30
C PHE B 224 18.87 -43.31 2.29
N PRO B 225 19.17 -42.34 3.17
CA PRO B 225 20.00 -42.69 4.33
C PRO B 225 19.37 -43.83 5.12
N ARG B 226 20.20 -44.69 5.69
CA ARG B 226 19.72 -45.84 6.47
C ARG B 226 18.90 -45.42 7.68
N THR B 227 19.34 -44.36 8.36
CA THR B 227 18.69 -43.88 9.59
C THR B 227 17.32 -43.23 9.38
N LEU B 228 16.96 -42.95 8.13
CA LEU B 228 15.67 -42.34 7.82
C LEU B 228 14.53 -43.29 8.22
N SER B 229 13.45 -42.73 8.76
CA SER B 229 12.30 -43.52 9.22
C SER B 229 11.58 -44.16 8.05
N PRO B 230 10.94 -45.31 8.27
CA PRO B 230 10.22 -45.99 7.18
C PRO B 230 9.12 -45.14 6.53
N GLU B 231 8.37 -44.39 7.33
CA GLU B 231 7.33 -43.50 6.79
C GLU B 231 7.93 -42.31 6.04
N ALA B 232 9.10 -41.85 6.47
CA ALA B 232 9.84 -40.83 5.71
C ALA B 232 10.21 -41.38 4.34
N LYS B 233 10.80 -42.57 4.32
CA LYS B 233 11.15 -43.26 3.08
C LYS B 233 9.91 -43.50 2.23
N SER B 234 8.82 -43.93 2.87
CA SER B 234 7.57 -44.20 2.17
C SER B 234 7.01 -42.95 1.50
N LEU B 235 7.03 -41.82 2.21
CA LEU B 235 6.53 -40.55 1.66
C LEU B 235 7.36 -40.11 0.47
N LEU B 236 8.68 -40.11 0.63
CA LEU B 236 9.58 -39.68 -0.44
C LEU B 236 9.44 -40.61 -1.65
N ALA B 237 9.30 -41.91 -1.39
CA ALA B 237 9.06 -42.89 -2.45
C ALA B 237 7.75 -42.62 -3.18
N GLY B 238 6.73 -42.20 -2.43
CA GLY B 238 5.42 -41.92 -2.99
C GLY B 238 5.35 -40.61 -3.77
N LEU B 239 5.93 -39.55 -3.20
CA LEU B 239 5.93 -38.24 -3.84
C LEU B 239 6.83 -38.27 -5.07
N LEU B 240 7.94 -38.99 -4.99
CA LEU B 240 8.88 -39.12 -6.09
C LEU B 240 8.64 -40.39 -6.92
N LYS B 241 7.39 -40.82 -7.02
CA LYS B 241 7.02 -41.90 -7.93
C LYS B 241 7.09 -41.34 -9.35
N LYS B 242 7.92 -41.95 -10.20
CA LYS B 242 8.13 -41.44 -11.55
C LYS B 242 6.83 -41.40 -12.36
N ASP B 243 5.96 -42.37 -12.16
CA ASP B 243 4.65 -42.40 -12.80
C ASP B 243 3.67 -41.49 -12.05
N PRO B 244 3.21 -40.40 -12.69
CA PRO B 244 2.27 -39.49 -12.01
C PRO B 244 0.94 -40.14 -11.58
N LYS B 245 0.49 -41.15 -12.31
CA LYS B 245 -0.75 -41.85 -11.95
C LYS B 245 -0.61 -42.65 -10.64
N GLN B 246 0.58 -43.16 -10.39
CA GLN B 246 0.87 -43.91 -9.15
C GLN B 246 1.41 -43.01 -8.04
N ARG B 247 1.74 -41.77 -8.39
CA ARG B 247 2.36 -40.84 -7.45
C ARG B 247 1.39 -40.38 -6.35
N LEU B 248 1.92 -40.27 -5.13
CA LEU B 248 1.15 -39.82 -3.98
C LEU B 248 0.66 -38.40 -4.24
N GLY B 249 -0.64 -38.20 -4.17
CA GLY B 249 -1.26 -36.92 -4.51
C GLY B 249 -1.70 -36.82 -5.97
N GLY B 250 -1.28 -37.78 -6.79
CA GLY B 250 -1.59 -37.80 -8.22
C GLY B 250 -2.98 -38.29 -8.56
N GLY B 251 -3.69 -38.87 -7.59
CA GLY B 251 -5.07 -39.33 -7.79
C GLY B 251 -6.09 -38.21 -7.76
N PRO B 252 -7.39 -38.57 -7.82
CA PRO B 252 -8.46 -37.57 -7.88
C PRO B 252 -8.62 -36.76 -6.58
N SER B 253 -8.21 -37.33 -5.45
CA SER B 253 -8.32 -36.64 -4.17
C SER B 253 -7.21 -35.60 -3.96
N ASP B 254 -6.24 -35.56 -4.87
CA ASP B 254 -5.19 -34.54 -4.84
C ASP B 254 -4.46 -34.55 -3.48
N ALA B 255 -4.63 -33.48 -2.69
CA ALA B 255 -3.87 -33.30 -1.46
C ALA B 255 -4.24 -34.31 -0.36
N LYS B 256 -5.45 -34.86 -0.43
CA LYS B 256 -5.94 -35.81 0.58
C LYS B 256 -5.03 -37.04 0.72
N GLU B 257 -4.48 -37.51 -0.40
CA GLU B 257 -3.56 -38.66 -0.37
C GLU B 257 -2.32 -38.36 0.46
N VAL B 258 -1.72 -37.20 0.19
CA VAL B 258 -0.53 -36.76 0.92
C VAL B 258 -0.87 -36.48 2.38
N MET B 259 -2.03 -35.85 2.62
CA MET B 259 -2.44 -35.50 3.98
C MET B 259 -2.69 -36.74 4.85
N GLU B 260 -3.25 -37.79 4.27
CA GLU B 260 -3.53 -39.02 5.01
C GLU B 260 -2.34 -39.99 5.12
N HIS B 261 -1.21 -39.64 4.51
CA HIS B 261 -0.02 -40.50 4.57
C HIS B 261 0.53 -40.59 5.99
N ARG B 262 1.09 -41.75 6.33
CA ARG B 262 1.53 -42.05 7.70
C ARG B 262 2.59 -41.09 8.23
N PHE B 263 3.38 -40.51 7.34
CA PHE B 263 4.40 -39.54 7.74
C PHE B 263 3.78 -38.36 8.49
N PHE B 264 2.55 -37.99 8.11
CA PHE B 264 1.84 -36.88 8.76
C PHE B 264 0.81 -37.37 9.78
N LEU B 265 1.00 -38.57 10.29
CA LEU B 265 0.09 -39.16 11.28
C LEU B 265 -0.24 -38.21 12.43
N SER B 266 0.76 -37.49 12.92
CA SER B 266 0.62 -36.61 14.08
C SER B 266 0.29 -35.17 13.71
N ILE B 267 -0.33 -34.95 12.55
CA ILE B 267 -0.66 -33.59 12.12
C ILE B 267 -2.16 -33.42 11.98
N ASN B 268 -2.69 -32.43 12.69
CA ASN B 268 -4.06 -31.98 12.47
C ASN B 268 -3.99 -30.86 11.43
N TRP B 269 -4.65 -31.09 10.30
CA TRP B 269 -4.52 -30.19 9.15
C TRP B 269 -5.29 -28.88 9.33
N GLN B 270 -6.26 -28.88 10.23
CA GLN B 270 -6.98 -27.66 10.57
C GLN B 270 -6.12 -26.80 11.49
N ASP B 271 -5.34 -27.44 12.36
CA ASP B 271 -4.35 -26.72 13.18
C ASP B 271 -3.28 -26.08 12.31
N VAL B 272 -2.88 -26.76 11.24
CA VAL B 272 -1.87 -26.24 10.31
C VAL B 272 -2.35 -24.94 9.68
N VAL B 273 -3.50 -24.98 9.02
CA VAL B 273 -4.04 -23.82 8.31
C VAL B 273 -4.40 -22.65 9.23
N GLN B 274 -4.83 -22.96 10.46
CA GLN B 274 -5.16 -21.94 11.45
C GLN B 274 -3.93 -21.37 12.18
N LYS B 275 -2.73 -21.81 11.79
CA LYS B 275 -1.48 -21.38 12.42
C LYS B 275 -1.39 -21.71 13.93
N LYS B 276 -2.12 -22.74 14.36
CA LYS B 276 -2.09 -23.18 15.75
C LYS B 276 -0.77 -23.87 16.09
N LEU B 277 -0.09 -24.40 15.08
CA LEU B 277 1.19 -25.08 15.26
C LEU B 277 2.33 -24.08 15.50
N LEU B 278 3.29 -24.49 16.32
CA LEU B 278 4.40 -23.62 16.74
C LEU B 278 5.63 -23.88 15.86
N PRO B 279 6.10 -22.86 15.13
CA PRO B 279 7.32 -23.01 14.32
C PRO B 279 8.50 -23.50 15.16
N PRO B 280 9.27 -24.48 14.65
CA PRO B 280 10.40 -25.00 15.40
C PRO B 280 11.57 -24.01 15.45
N PHE B 281 11.72 -23.21 14.41
CA PHE B 281 12.75 -22.18 14.33
C PHE B 281 12.06 -20.82 14.20
N LYS B 282 12.40 -19.88 15.08
CA LYS B 282 11.89 -18.51 14.99
C LYS B 282 12.98 -17.53 14.59
N PRO B 283 12.84 -16.89 13.41
CA PRO B 283 13.81 -15.88 12.96
C PRO B 283 14.11 -14.85 14.05
N GLN B 284 15.39 -14.69 14.36
CA GLN B 284 15.86 -13.77 15.39
C GLN B 284 16.10 -12.37 14.82
N VAL B 285 15.15 -11.85 14.06
CA VAL B 285 15.28 -10.50 13.50
C VAL B 285 15.04 -9.47 14.60
N THR B 286 15.93 -8.49 14.67
CA THR B 286 15.92 -7.48 15.73
C THR B 286 15.26 -6.16 15.31
N SER B 287 14.94 -6.06 14.02
CA SER B 287 14.26 -4.88 13.48
C SER B 287 13.62 -5.21 12.13
N GLU B 288 12.87 -4.27 11.58
CA GLU B 288 12.18 -4.48 10.30
C GLU B 288 13.13 -4.43 9.10
N VAL B 289 14.23 -3.70 9.24
CA VAL B 289 15.25 -3.57 8.18
C VAL B 289 16.37 -4.61 8.33
N ASP B 290 16.15 -5.62 9.17
CA ASP B 290 17.13 -6.66 9.44
C ASP B 290 17.11 -7.69 8.31
N THR B 291 18.27 -7.89 7.66
CA THR B 291 18.38 -8.79 6.51
C THR B 291 19.43 -9.89 6.72
N ARG B 292 19.53 -10.39 7.95
CA ARG B 292 20.52 -11.42 8.29
C ARG B 292 20.28 -12.75 7.58
N TYR B 293 19.02 -13.07 7.33
CA TYR B 293 18.66 -14.33 6.66
C TYR B 293 18.61 -14.18 5.13
N PHE B 294 19.34 -13.20 4.61
CA PHE B 294 19.60 -13.08 3.19
C PHE B 294 21.10 -13.05 2.97
N ASP B 295 21.51 -13.35 1.75
CA ASP B 295 22.92 -13.56 1.44
C ASP B 295 23.65 -12.22 1.28
N ASP B 296 24.85 -12.14 1.83
CA ASP B 296 25.71 -10.96 1.66
C ASP B 296 25.96 -10.66 0.18
N GLU B 297 26.03 -11.71 -0.63
CA GLU B 297 26.18 -11.57 -2.08
C GLU B 297 25.23 -10.51 -2.66
N PHE B 298 24.02 -10.41 -2.10
CA PHE B 298 23.00 -9.47 -2.57
C PHE B 298 22.93 -8.21 -1.71
N THR B 299 22.86 -8.38 -0.39
CA THR B 299 22.67 -7.26 0.53
C THR B 299 23.84 -6.25 0.53
N ALA B 300 25.04 -6.72 0.21
CA ALA B 300 26.22 -5.86 0.16
C ALA B 300 26.23 -4.92 -1.06
N GLN B 301 25.45 -5.26 -2.08
CA GLN B 301 25.40 -4.49 -3.32
C GLN B 301 24.65 -3.18 -3.13
N SER B 302 25.23 -2.09 -3.62
CA SER B 302 24.56 -0.79 -3.65
C SER B 302 23.47 -0.80 -4.71
N ILE B 303 22.59 0.20 -4.66
CA ILE B 303 21.42 0.25 -5.54
C ILE B 303 21.56 1.36 -6.58
N THR B 304 21.82 0.96 -7.83
CA THR B 304 21.95 1.90 -8.95
C THR B 304 20.67 1.89 -9.79
N ILE B 305 20.60 2.81 -10.74
CA ILE B 305 19.51 2.84 -11.72
C ILE B 305 20.09 2.63 -13.13
N TPO B 306 19.95 1.40 -13.62
CA TPO B 306 20.24 1.08 -15.02
CB TPO B 306 19.91 -0.39 -15.33
CG2 TPO B 306 20.69 -0.89 -16.53
OG1 TPO B 306 20.20 -1.21 -14.19
P TPO B 306 19.03 -1.97 -13.38
O1P TPO B 306 19.77 -2.71 -12.28
O2P TPO B 306 18.40 -2.89 -14.40
O3P TPO B 306 18.15 -0.84 -12.89
C TPO B 306 19.47 1.96 -15.97
O TPO B 306 18.33 2.34 -15.69
N GLN B 321 3.88 6.43 -25.61
CA GLN B 321 3.60 5.20 -26.37
C GLN B 321 2.95 4.15 -25.47
N ARG B 322 1.98 3.43 -26.00
CA ARG B 322 1.20 2.45 -25.23
C ARG B 322 1.94 1.13 -25.08
N THR B 323 2.93 1.11 -24.18
CA THR B 323 3.68 -0.10 -23.83
C THR B 323 3.12 -0.69 -22.53
N HIS B 324 1.86 -1.09 -22.57
CA HIS B 324 1.06 -1.39 -21.38
C HIS B 324 0.76 -2.89 -21.23
N PHE B 325 0.79 -3.37 -19.98
CA PHE B 325 0.39 -4.74 -19.66
C PHE B 325 -1.02 -4.72 -19.06
N PRO B 326 -1.95 -5.55 -19.59
CA PRO B 326 -3.38 -5.34 -19.32
C PRO B 326 -3.98 -6.10 -18.12
N GLN B 327 -3.16 -6.61 -17.22
CA GLN B 327 -3.69 -7.21 -15.99
C GLN B 327 -2.76 -6.92 -14.80
N PHE B 328 -2.51 -5.64 -14.58
CA PHE B 328 -1.63 -5.15 -13.53
C PHE B 328 -2.37 -4.02 -12.77
N ASP B 329 -1.64 -3.02 -12.29
CA ASP B 329 -2.24 -1.82 -11.68
C ASP B 329 -3.21 -2.17 -10.54
N TYR B 330 -2.88 -3.24 -9.81
CA TYR B 330 -3.73 -3.75 -8.74
C TYR B 330 -3.35 -3.14 -7.39
N SER B 331 -4.34 -3.03 -6.50
CA SER B 331 -4.11 -2.65 -5.11
C SER B 331 -4.97 -3.51 -4.20
N ALA B 332 -4.38 -3.97 -3.09
CA ALA B 332 -5.10 -4.81 -2.12
C ALA B 332 -6.22 -4.05 -1.42
N SER B 333 -6.07 -2.74 -1.30
CA SER B 333 -7.08 -1.87 -0.69
C SER B 333 -8.27 -1.60 -1.60
N ILE B 334 -8.09 -1.79 -2.91
CA ILE B 334 -9.12 -1.44 -3.91
C ILE B 334 -9.87 -2.67 -4.42
N ARG B 335 -9.14 -3.71 -4.81
CA ARG B 335 -9.74 -4.99 -5.19
C ARG B 335 -9.12 -6.13 -4.37
N GLY C 1 0.88 12.25 20.11
CA GLY C 1 0.89 12.97 18.80
C GLY C 1 1.10 12.00 17.65
N ARG C 2 0.13 11.94 16.74
CA ARG C 2 0.19 11.00 15.62
C ARG C 2 1.20 11.46 14.55
N PRO C 3 1.63 10.54 13.67
CA PRO C 3 2.53 10.93 12.58
C PRO C 3 1.77 11.62 11.43
N ARG C 4 2.49 12.45 10.67
CA ARG C 4 1.91 13.16 9.53
C ARG C 4 1.23 12.18 8.58
N THR C 5 -0.03 12.45 8.26
CA THR C 5 -0.78 11.66 7.30
C THR C 5 -0.48 12.19 5.90
N THR C 6 -0.78 11.37 4.89
CA THR C 6 -0.51 11.73 3.49
C THR C 6 -1.74 11.42 2.64
N SER C 7 -2.14 12.38 1.81
CA SER C 7 -3.30 12.21 0.94
C SER C 7 -2.94 11.35 -0.26
N PHE C 8 -3.95 10.76 -0.88
CA PHE C 8 -3.76 9.85 -2.01
C PHE C 8 -4.97 9.89 -2.95
N ALA C 9 -4.81 9.32 -4.14
CA ALA C 9 -5.88 9.27 -5.13
C ALA C 9 -5.81 8.03 -6.02
N GLU C 10 -6.95 7.33 -6.14
CA GLU C 10 -7.11 6.15 -7.00
C GLU C 10 -5.85 5.30 -7.10
N GLY D 1 26.29 -28.04 -0.01
CA GLY D 1 25.35 -26.95 -0.41
C GLY D 1 25.35 -26.72 -1.90
N ARG D 2 24.23 -27.03 -2.55
CA ARG D 2 24.10 -26.89 -4.00
C ARG D 2 24.08 -25.43 -4.43
N PRO D 3 24.36 -25.15 -5.72
CA PRO D 3 24.31 -23.77 -6.20
C PRO D 3 22.87 -23.33 -6.49
N ARG D 4 22.65 -22.01 -6.57
CA ARG D 4 21.33 -21.47 -6.89
C ARG D 4 20.83 -22.02 -8.21
N THR D 5 19.59 -22.53 -8.21
CA THR D 5 18.92 -22.95 -9.42
C THR D 5 18.23 -21.75 -10.06
N THR D 6 17.92 -21.86 -11.34
CA THR D 6 17.24 -20.79 -12.09
C THR D 6 16.05 -21.38 -12.84
N SER D 7 14.89 -20.78 -12.68
CA SER D 7 13.70 -21.22 -13.39
C SER D 7 13.72 -20.78 -14.85
N PHE D 8 12.89 -21.41 -15.67
CA PHE D 8 12.91 -21.20 -17.11
C PHE D 8 11.55 -21.53 -17.74
N ALA D 9 11.35 -21.13 -18.99
CA ALA D 9 10.14 -21.45 -19.75
C ALA D 9 10.44 -21.64 -21.25
N GLU D 10 9.67 -22.52 -21.89
CA GLU D 10 9.86 -22.92 -23.31
C GLU D 10 11.26 -22.61 -23.84
N1 G96 E . 1.09 27.24 4.70
N3 G96 E . -1.05 28.56 2.17
C4 G96 E . 3.59 19.82 -2.09
C5 G96 E . 3.60 20.18 -0.73
C6 G96 E . 2.75 19.54 0.17
C7 G96 E . -0.72 19.63 0.10
C8 G96 E . -0.23 28.34 3.23
C10 G96 E . -0.43 21.76 1.30
C13 G96 E . -2.13 24.40 -0.34
C15 G96 E . 0.06 23.81 2.46
C17 G96 E . -2.92 24.95 -1.03
C20 G96 E . -3.08 25.92 -3.29
C21 G96 E . 1.44 24.29 4.46
C22 G96 E . 2.87 24.16 3.98
C24 G96 E . 0.99 17.83 0.69
O3 G96 E . -4.80 24.48 -2.43
C18 G96 E . -3.87 25.49 -2.06
C19 G96 E . -4.64 26.66 -1.46
C12 G96 E . -1.38 23.79 0.51
N4 G96 E . -1.21 22.44 0.42
C14 G96 E . -0.75 24.49 1.54
N6 G96 E . -0.73 25.79 1.89
C16 G96 E . 0.05 25.87 2.98
N5 G96 E . 0.56 24.67 3.35
C9 G96 E . 0.30 27.11 3.61
O2 G96 E . 1.00 28.66 4.96
N2 G96 E . 0.17 29.36 4.02
C11 G96 E . 0.22 22.43 2.33
O1 G96 E . -0.23 20.40 1.20
C23 G96 E . -0.47 18.13 0.33
N7 G96 E . -1.31 17.67 1.42
C1 G96 E . 1.91 18.53 -0.28
C3 G96 E . 2.75 18.81 -2.52
C2 G96 E . 1.90 18.16 -1.63
N1 G96 F . 12.11 -11.88 -0.31
N3 G96 F . 8.67 -11.28 -1.01
C4 G96 F . 13.97 -10.92 -10.24
C5 G96 F . 14.45 -11.46 -9.05
C6 G96 F . 14.50 -12.84 -8.89
C7 G96 F . 11.77 -15.05 -8.79
C8 G96 F . 9.91 -11.39 -0.48
C10 G96 F . 11.71 -14.24 -6.49
C13 G96 F . 8.45 -13.08 -5.70
C15 G96 F . 11.73 -13.35 -4.25
C17 G96 F . 7.26 -12.96 -5.75
C20 G96 F . 5.50 -11.40 -6.46
C21 G96 F . 13.54 -13.16 -2.57
C22 G96 F . 14.42 -12.04 -3.07
C24 G96 F . 14.12 -15.17 -9.76
O3 G96 F . 5.46 -13.70 -7.14
C18 G96 F . 5.82 -12.84 -6.05
C19 G96 F . 4.99 -13.24 -4.84
C12 G96 F . 9.70 -13.35 -5.56
N4 G96 F . 10.38 -13.94 -6.58
C14 G96 F . 10.37 -13.05 -4.37
N6 G96 F . 9.97 -12.48 -3.22
C16 G96 F . 11.07 -12.46 -2.43
N5 G96 F . 12.16 -12.98 -3.04
C9 G96 F . 11.04 -11.93 -1.12
O2 G96 F . 11.56 -11.26 0.88
N2 G96 F . 10.17 -10.96 0.77
C11 G96 F . 12.40 -13.95 -5.31
O1 G96 F . 12.39 -14.83 -7.52
C23 G96 F . 12.70 -15.74 -9.79
N7 G96 F . 12.76 -17.17 -9.52
C1 G96 F . 14.07 -13.67 -9.93
C3 G96 F . 13.55 -11.74 -11.27
C2 G96 F . 13.59 -13.12 -11.12
#